data_1E5X
#
_entry.id   1E5X
#
_cell.length_a   57.760
_cell.length_b   62.140
_cell.length_c   76.590
_cell.angle_alpha   109.48
_cell.angle_beta   97.61
_cell.angle_gamma   112.74
#
_symmetry.space_group_name_H-M   'P 1'
#
loop_
_entity.id
_entity.type
_entity.pdbx_description
1 polymer 'THREONINE SYNTHASE'
2 water water
#
_entity_poly.entity_id   1
_entity_poly.type   'polypeptide(L)'
_entity_poly.pdbx_seq_one_letter_code
;ADGNNIKAPIETAVKPPHRTEDNIRDEARRNRSNAVNPFSAKYVPFNAAPGSTESYSLDEIVYRSRSGGLLDVEHD
(MSE)EALKRFDGAYWRDLFDSRVGKSTWPYGSGVWSKKEWVLPEIDDDDIVSAFEGNSNLFWAERFGKQFLG(MSE)ND
LWVKHCGISHTGSFKDLG(MSE)TVLVSQVNRLRK(MSE)KRPVVGVGCASTGDTSAALSAYCASAGIPSIVFLPANKIS
(MSE)AQLVQPIANGAFVLSIDTDFDGC(MSE)KLIREITAELPIYLANSLNSLRLEGQKTAAIEILQQFDWQVPDWVIV
PGGNLGNIYAFYKGFK(MSO)CQELGLVDRIPR(MSE)VCAQAANANPLYLHYKSGWKDFKP(MSE)TASTTFASAIQIG
DPVSIDRAVYALKKCNGIVEEATEEEL(MSE)DA(MSE)AQADSTG(MSE)FICPHTGVALTALFKLRNQGVIAPTDRTV
VVSTAHGLKFTQSKIDYHSNAIPD(MSE)ACRFSNPPVDVKADFGAV(MSE)DVLKSYLGSNTLTS
;
_entity_poly.pdbx_strand_id   A,B
#
# COMPACT_ATOMS: atom_id res chain seq x y z
N ILE A 10 -25.91 -7.49 -28.49
CA ILE A 10 -25.62 -7.62 -29.95
C ILE A 10 -24.18 -8.06 -30.17
N GLU A 11 -23.50 -8.42 -29.08
CA GLU A 11 -22.13 -8.88 -29.18
C GLU A 11 -22.02 -10.35 -28.77
N THR A 12 -20.94 -10.99 -29.16
CA THR A 12 -20.71 -12.39 -28.82
C THR A 12 -20.43 -12.57 -27.34
N ALA A 13 -20.90 -13.68 -26.77
CA ALA A 13 -20.68 -13.95 -25.35
C ALA A 13 -19.19 -14.02 -25.05
N VAL A 14 -18.79 -13.48 -23.92
CA VAL A 14 -17.38 -13.47 -23.51
C VAL A 14 -16.84 -14.89 -23.32
N LYS A 15 -15.65 -15.14 -23.86
CA LYS A 15 -15.01 -16.45 -23.74
C LYS A 15 -14.38 -16.65 -22.36
N PRO A 16 -14.57 -17.86 -21.78
CA PRO A 16 -13.97 -18.09 -20.46
C PRO A 16 -12.43 -18.15 -20.46
N PRO A 17 -11.80 -18.51 -21.60
CA PRO A 17 -10.33 -18.55 -21.62
C PRO A 17 -9.72 -17.16 -21.73
N HIS A 18 -10.55 -16.17 -22.00
CA HIS A 18 -10.10 -14.80 -22.13
C HIS A 18 -9.67 -14.14 -20.83
N ARG A 19 -8.66 -13.30 -20.94
CA ARG A 19 -8.14 -12.55 -19.81
C ARG A 19 -8.64 -11.13 -20.04
N THR A 20 -8.41 -10.24 -19.07
CA THR A 20 -8.87 -8.87 -19.24
C THR A 20 -8.11 -8.19 -20.39
N GLU A 21 -6.93 -8.71 -20.71
CA GLU A 21 -6.10 -8.16 -21.78
C GLU A 21 -6.75 -8.49 -23.14
N ASP A 22 -7.15 -9.75 -23.32
CA ASP A 22 -7.79 -10.17 -24.56
C ASP A 22 -9.13 -9.44 -24.65
N ASN A 23 -9.85 -9.50 -23.53
CA ASN A 23 -11.16 -8.90 -23.38
C ASN A 23 -11.29 -7.46 -23.87
N ILE A 24 -10.19 -6.73 -23.88
CA ILE A 24 -10.25 -5.35 -24.33
C ILE A 24 -9.74 -5.15 -25.74
N ARG A 25 -9.09 -6.17 -26.28
CA ARG A 25 -8.56 -6.07 -27.64
C ARG A 25 -9.72 -5.70 -28.56
N ASP A 26 -10.94 -5.88 -28.05
CA ASP A 26 -12.15 -5.55 -28.79
C ASP A 26 -12.22 -4.04 -29.03
N GLU A 27 -11.70 -3.63 -30.18
CA GLU A 27 -11.69 -2.23 -30.59
C GLU A 27 -11.75 -2.12 -32.11
N ASN A 34 -10.31 1.14 -33.89
CA ASN A 34 -9.83 0.62 -35.17
C ASN A 34 -9.53 1.76 -36.15
N ALA A 35 -10.03 2.95 -35.83
CA ALA A 35 -9.82 4.12 -36.68
C ALA A 35 -8.43 4.69 -36.47
N VAL A 36 -8.27 5.97 -36.78
CA VAL A 36 -6.99 6.65 -36.62
C VAL A 36 -6.85 7.21 -35.21
N ASN A 37 -5.74 6.89 -34.56
CA ASN A 37 -5.46 7.37 -33.21
C ASN A 37 -5.05 8.84 -33.33
N PRO A 38 -5.86 9.75 -32.77
CA PRO A 38 -5.57 11.19 -32.85
C PRO A 38 -4.49 11.69 -31.88
N PHE A 39 -4.13 10.86 -30.91
CA PHE A 39 -3.15 11.28 -29.92
C PHE A 39 -1.75 10.72 -30.10
N SER A 40 -0.76 11.54 -29.80
CA SER A 40 0.63 11.12 -29.92
C SER A 40 1.54 11.97 -29.06
N ALA A 41 2.76 11.47 -28.88
CA ALA A 41 3.76 12.16 -28.10
C ALA A 41 5.12 11.83 -28.68
N LYS A 42 6.11 12.68 -28.39
CA LYS A 42 7.46 12.49 -28.91
C LYS A 42 8.46 13.15 -27.99
N TYR A 43 9.72 12.77 -28.12
CA TYR A 43 10.77 13.38 -27.33
C TYR A 43 11.04 14.76 -27.90
N VAL A 44 11.28 15.73 -27.02
CA VAL A 44 11.54 17.09 -27.42
C VAL A 44 12.59 17.69 -26.49
N PRO A 45 13.38 18.66 -26.99
CA PRO A 45 14.38 19.24 -26.10
C PRO A 45 13.69 19.93 -24.94
N PHE A 46 14.17 19.69 -23.72
CA PHE A 46 13.55 20.28 -22.56
C PHE A 46 13.63 21.81 -22.58
N ASN A 47 12.47 22.45 -22.49
CA ASN A 47 12.37 23.90 -22.45
C ASN A 47 13.21 24.67 -23.48
N ALA A 48 12.72 24.74 -24.72
CA ALA A 48 13.45 25.46 -25.76
C ALA A 48 12.53 26.31 -26.64
N ALA A 49 12.93 26.48 -27.90
CA ALA A 49 12.17 27.23 -28.90
C ALA A 49 11.88 26.26 -30.08
N PRO A 50 11.13 26.71 -31.11
CA PRO A 50 10.83 25.82 -32.26
C PRO A 50 12.00 24.93 -32.69
N GLY A 51 11.79 23.64 -32.89
CA GLY A 51 12.91 22.80 -33.29
C GLY A 51 12.87 21.28 -33.42
N SER A 52 13.92 20.65 -32.90
CA SER A 52 14.13 19.19 -32.95
C SER A 52 13.06 18.29 -32.31
N THR A 53 13.16 17.01 -32.64
CA THR A 53 12.21 16.01 -32.18
C THR A 53 12.69 14.60 -32.49
N GLU A 54 12.30 13.64 -31.66
CA GLU A 54 12.65 12.24 -31.89
C GLU A 54 11.48 11.37 -31.46
N SER A 55 11.35 10.19 -32.07
CA SER A 55 10.28 9.27 -31.74
C SER A 55 10.56 8.56 -30.42
N TYR A 56 9.50 8.03 -29.81
CA TYR A 56 9.65 7.29 -28.55
C TYR A 56 10.19 5.92 -28.83
N SER A 57 10.11 5.52 -30.09
CA SER A 57 10.62 4.22 -30.48
C SER A 57 12.15 4.37 -30.60
N LEU A 58 12.62 5.61 -30.59
CA LEU A 58 14.05 5.90 -30.67
C LEU A 58 14.62 5.90 -29.26
N ASP A 59 15.94 5.79 -29.16
CA ASP A 59 16.57 5.77 -27.85
C ASP A 59 17.48 6.96 -27.60
N GLU A 60 16.96 8.15 -27.88
CA GLU A 60 17.71 9.38 -27.69
C GLU A 60 17.81 9.56 -26.17
N ILE A 61 18.78 10.34 -25.72
CA ILE A 61 18.95 10.58 -24.29
C ILE A 61 19.14 12.06 -24.00
N VAL A 62 19.76 12.76 -24.94
CA VAL A 62 20.02 14.19 -24.82
C VAL A 62 19.71 14.78 -26.20
N TYR A 63 19.86 16.08 -26.38
CA TYR A 63 19.57 16.67 -27.69
C TYR A 63 20.74 17.34 -28.41
N ARG A 64 20.65 18.66 -28.62
CA ARG A 64 21.68 19.44 -29.31
C ARG A 64 23.09 18.81 -29.29
N GLY A 69 20.25 19.94 -22.20
CA GLY A 69 20.50 18.73 -22.95
C GLY A 69 19.46 17.66 -22.66
N LEU A 70 18.70 17.86 -21.58
CA LEU A 70 17.67 16.90 -21.20
C LEU A 70 16.50 16.86 -22.19
N LEU A 71 15.96 15.66 -22.38
CA LEU A 71 14.82 15.49 -23.25
C LEU A 71 13.56 15.53 -22.41
N ASP A 72 12.44 15.88 -23.02
CA ASP A 72 11.18 15.93 -22.32
C ASP A 72 10.17 15.27 -23.25
N VAL A 73 9.14 14.66 -22.67
CA VAL A 73 8.11 14.03 -23.48
C VAL A 73 7.03 15.05 -23.75
N GLU A 74 6.76 15.31 -25.04
CA GLU A 74 5.74 16.28 -25.40
C GLU A 74 4.58 15.61 -26.11
N HIS A 75 3.39 15.87 -25.61
CA HIS A 75 2.17 15.32 -26.18
C HIS A 75 1.59 16.34 -27.13
N ASP A 76 0.89 15.86 -28.16
CA ASP A 76 0.26 16.75 -29.12
C ASP A 76 -0.92 17.43 -28.43
N MSE A 77 -0.68 18.58 -27.82
CA MSE A 77 -1.73 19.32 -27.13
C MSE A 77 -2.86 19.72 -28.08
O MSE A 77 -4.00 19.90 -27.65
CB MSE A 77 -1.13 20.56 -26.48
CG MSE A 77 -0.22 20.23 -25.31
SE MSE A 77 -1.12 19.21 -23.90
CE MSE A 77 -2.30 20.61 -23.26
N GLU A 78 -2.53 19.87 -29.35
CA GLU A 78 -3.52 20.23 -30.36
C GLU A 78 -4.60 19.16 -30.41
N ALA A 79 -4.17 17.91 -30.56
CA ALA A 79 -5.11 16.81 -30.62
C ALA A 79 -5.93 16.68 -29.32
N LEU A 80 -5.26 16.81 -28.18
CA LEU A 80 -5.93 16.69 -26.90
C LEU A 80 -6.95 17.80 -26.62
N LYS A 81 -6.65 19.01 -27.05
CA LYS A 81 -7.58 20.11 -26.81
C LYS A 81 -8.85 20.01 -27.64
N ARG A 82 -8.88 19.08 -28.57
CA ARG A 82 -10.06 18.87 -29.40
C ARG A 82 -11.19 18.27 -28.55
N PHE A 83 -10.85 17.88 -27.33
CA PHE A 83 -11.83 17.31 -26.40
C PHE A 83 -11.85 18.24 -25.21
N ASP A 84 -13.03 18.69 -24.80
CA ASP A 84 -13.12 19.62 -23.70
C ASP A 84 -12.81 19.06 -22.30
N GLY A 85 -12.72 19.96 -21.33
CA GLY A 85 -12.42 19.58 -19.98
C GLY A 85 -13.37 18.55 -19.42
N ALA A 86 -14.66 18.77 -19.63
CA ALA A 86 -15.68 17.87 -19.11
C ALA A 86 -15.50 16.47 -19.69
N TYR A 87 -15.07 16.39 -20.94
CA TYR A 87 -14.89 15.09 -21.57
C TYR A 87 -13.77 14.32 -20.88
N TRP A 88 -12.68 15.00 -20.57
CA TRP A 88 -11.55 14.36 -19.92
C TRP A 88 -11.88 13.97 -18.47
N ARG A 89 -12.49 14.88 -17.72
CA ARG A 89 -12.86 14.58 -16.34
C ARG A 89 -13.75 13.35 -16.29
N ASP A 90 -14.76 13.31 -17.16
CA ASP A 90 -15.67 12.19 -17.18
C ASP A 90 -15.05 10.90 -17.70
N LEU A 91 -14.15 11.01 -18.68
CA LEU A 91 -13.54 9.81 -19.24
C LEU A 91 -12.72 9.15 -18.13
N PHE A 92 -11.90 9.96 -17.46
CA PHE A 92 -11.07 9.45 -16.39
C PHE A 92 -11.91 8.94 -15.20
N ASP A 93 -12.90 9.72 -14.77
CA ASP A 93 -13.73 9.30 -13.65
C ASP A 93 -14.49 8.00 -13.95
N SER A 94 -14.83 7.78 -15.21
CA SER A 94 -15.55 6.57 -15.57
C SER A 94 -14.67 5.32 -15.39
N ARG A 95 -13.35 5.53 -15.28
CA ARG A 95 -12.43 4.41 -15.11
C ARG A 95 -12.06 4.14 -13.67
N VAL A 96 -12.52 5.01 -12.76
CA VAL A 96 -12.22 4.82 -11.35
C VAL A 96 -12.88 3.54 -10.81
N GLY A 97 -12.14 2.79 -10.02
CA GLY A 97 -12.68 1.59 -9.41
C GLY A 97 -12.91 0.40 -10.32
N LYS A 98 -12.40 0.46 -11.55
CA LYS A 98 -12.57 -0.62 -12.51
C LYS A 98 -11.39 -1.59 -12.46
N SER A 99 -11.64 -2.83 -12.88
CA SER A 99 -10.60 -3.85 -12.90
C SER A 99 -10.35 -4.30 -14.33
N THR A 100 -10.72 -3.45 -15.28
CA THR A 100 -10.52 -3.74 -16.69
C THR A 100 -9.07 -3.46 -17.10
N TRP A 101 -8.68 -3.92 -18.28
CA TRP A 101 -7.34 -3.73 -18.77
C TRP A 101 -7.30 -2.62 -19.79
N PRO A 102 -6.38 -1.66 -19.63
CA PRO A 102 -5.39 -1.56 -18.55
C PRO A 102 -5.84 -0.48 -17.57
N TYR A 103 -7.07 0.00 -17.74
CA TYR A 103 -7.58 1.09 -16.92
C TYR A 103 -7.67 0.85 -15.43
N GLY A 104 -7.40 -0.38 -14.98
CA GLY A 104 -7.43 -0.67 -13.56
C GLY A 104 -6.26 0.02 -12.88
N SER A 105 -5.30 0.47 -13.70
CA SER A 105 -4.11 1.16 -13.23
C SER A 105 -4.35 2.67 -13.11
N GLY A 106 -3.82 3.27 -12.05
CA GLY A 106 -3.97 4.69 -11.85
C GLY A 106 -3.18 5.46 -12.90
N VAL A 107 -2.21 4.79 -13.52
CA VAL A 107 -1.41 5.41 -14.56
C VAL A 107 -2.10 5.26 -15.91
N TRP A 108 -2.44 4.02 -16.26
CA TRP A 108 -3.07 3.74 -17.54
C TRP A 108 -4.51 4.19 -17.68
N SER A 109 -5.14 4.58 -16.57
CA SER A 109 -6.51 5.08 -16.66
C SER A 109 -6.41 6.46 -17.33
N LYS A 110 -5.18 6.96 -17.48
CA LYS A 110 -4.93 8.23 -18.15
C LYS A 110 -4.03 7.99 -19.36
N LYS A 111 -4.14 6.79 -19.93
CA LYS A 111 -3.32 6.39 -21.08
C LYS A 111 -3.17 7.42 -22.19
N GLU A 112 -4.27 8.04 -22.59
CA GLU A 112 -4.23 9.04 -23.65
C GLU A 112 -3.21 10.14 -23.36
N TRP A 113 -2.91 10.38 -22.09
CA TRP A 113 -1.95 11.42 -21.71
C TRP A 113 -0.58 10.90 -21.31
N VAL A 114 -0.37 9.59 -21.40
CA VAL A 114 0.89 9.00 -20.98
C VAL A 114 1.66 8.42 -22.15
N LEU A 115 1.18 7.32 -22.71
CA LEU A 115 1.78 6.69 -23.89
C LEU A 115 0.60 6.42 -24.82
N PRO A 116 0.06 7.47 -25.44
CA PRO A 116 -1.08 7.37 -26.36
C PRO A 116 -1.04 6.31 -27.44
N GLU A 117 0.14 6.03 -27.99
CA GLU A 117 0.22 5.05 -29.07
C GLU A 117 0.57 3.63 -28.72
N ILE A 118 0.85 3.34 -27.46
CA ILE A 118 1.19 1.97 -27.13
C ILE A 118 -0.04 1.10 -27.20
N ASP A 119 0.15 -0.16 -27.60
CA ASP A 119 -0.94 -1.12 -27.72
C ASP A 119 -1.13 -1.77 -26.35
N ASP A 120 -2.38 -1.93 -25.93
CA ASP A 120 -2.65 -2.54 -24.64
C ASP A 120 -1.95 -3.88 -24.45
N ASP A 121 -1.65 -4.56 -25.54
CA ASP A 121 -0.97 -5.86 -25.45
C ASP A 121 0.47 -5.72 -24.99
N ASP A 122 1.03 -4.53 -25.10
CA ASP A 122 2.42 -4.29 -24.70
C ASP A 122 2.55 -3.67 -23.32
N ILE A 123 1.44 -3.22 -22.76
CA ILE A 123 1.45 -2.60 -21.44
C ILE A 123 1.83 -3.57 -20.34
N VAL A 124 2.78 -3.15 -19.51
CA VAL A 124 3.21 -3.97 -18.38
C VAL A 124 2.75 -3.23 -17.13
N SER A 125 1.73 -3.75 -16.47
CA SER A 125 1.19 -3.09 -15.29
C SER A 125 0.75 -4.04 -14.19
N ALA A 126 0.84 -3.56 -12.96
CA ALA A 126 0.41 -4.34 -11.81
C ALA A 126 -0.72 -3.57 -11.14
N PHE A 127 -1.37 -2.71 -11.91
CA PHE A 127 -2.45 -1.84 -11.44
C PHE A 127 -1.96 -0.90 -10.34
N GLU A 128 -0.77 -0.36 -10.56
CA GLU A 128 -0.16 0.60 -9.64
C GLU A 128 -1.05 1.86 -9.67
N GLY A 129 -0.80 2.79 -8.76
CA GLY A 129 -1.61 4.00 -8.74
C GLY A 129 -2.84 3.84 -7.87
N ASN A 130 -3.73 4.83 -7.93
CA ASN A 130 -4.93 4.84 -7.12
C ASN A 130 -4.52 4.73 -5.66
N SER A 131 -3.40 5.35 -5.34
CA SER A 131 -2.89 5.29 -3.98
C SER A 131 -3.72 6.12 -3.02
N ASN A 132 -3.68 5.72 -1.77
CA ASN A 132 -4.41 6.33 -0.69
C ASN A 132 -4.11 7.82 -0.47
N LEU A 133 -5.16 8.63 -0.42
CA LEU A 133 -5.04 10.06 -0.16
C LEU A 133 -5.64 10.19 1.23
N PHE A 134 -4.75 10.33 2.20
CA PHE A 134 -5.08 10.40 3.63
C PHE A 134 -5.24 11.78 4.25
N TRP A 135 -6.34 11.98 4.99
CA TRP A 135 -6.58 13.25 5.68
C TRP A 135 -5.88 13.22 7.04
N ALA A 136 -4.77 13.96 7.14
CA ALA A 136 -4.01 14.01 8.39
C ALA A 136 -4.69 14.96 9.39
N GLU A 137 -5.87 14.56 9.84
CA GLU A 137 -6.65 15.37 10.77
C GLU A 137 -5.89 15.70 12.05
N ARG A 138 -5.53 14.69 12.82
CA ARG A 138 -4.86 14.91 14.08
C ARG A 138 -3.54 15.66 13.99
N PHE A 139 -2.65 15.25 13.10
CA PHE A 139 -1.37 15.93 12.98
C PHE A 139 -1.60 17.36 12.51
N GLY A 140 -2.44 17.52 11.50
CA GLY A 140 -2.73 18.84 10.98
C GLY A 140 -3.19 19.81 12.06
N LYS A 141 -4.19 19.40 12.82
CA LYS A 141 -4.73 20.24 13.87
C LYS A 141 -3.81 20.43 15.08
N GLN A 142 -3.39 19.33 15.68
CA GLN A 142 -2.54 19.39 16.87
C GLN A 142 -1.16 20.02 16.69
N PHE A 143 -0.51 19.79 15.55
CA PHE A 143 0.82 20.34 15.35
C PHE A 143 0.96 21.52 14.38
N LEU A 144 -0.08 21.79 13.59
CA LEU A 144 0.05 22.88 12.63
C LEU A 144 -1.14 23.82 12.60
N GLY A 145 -2.14 23.58 13.45
CA GLY A 145 -3.32 24.42 13.46
C GLY A 145 -4.03 24.39 12.12
N MSE A 146 -3.92 23.26 11.42
CA MSE A 146 -4.54 23.09 10.11
C MSE A 146 -5.72 22.15 10.16
O MSE A 146 -5.78 21.24 10.97
CB MSE A 146 -3.51 22.58 9.11
CG MSE A 146 -2.35 23.54 8.92
SE MSE A 146 -1.02 22.89 7.69
CE MSE A 146 -1.86 23.46 6.06
N ASN A 147 -6.67 22.37 9.25
CA ASN A 147 -7.87 21.55 9.21
C ASN A 147 -8.00 20.80 7.87
N ASP A 148 -7.15 21.12 6.91
CA ASP A 148 -7.24 20.50 5.59
C ASP A 148 -5.87 20.06 5.04
N LEU A 149 -5.14 19.33 5.87
CA LEU A 149 -3.83 18.80 5.51
C LEU A 149 -4.00 17.33 5.10
N TRP A 150 -3.39 16.96 3.98
CA TRP A 150 -3.48 15.59 3.48
C TRP A 150 -2.12 15.04 3.08
N VAL A 151 -2.04 13.70 2.99
CA VAL A 151 -0.82 13.00 2.56
C VAL A 151 -1.18 12.05 1.41
N LYS A 152 -0.48 12.19 0.29
CA LYS A 152 -0.71 11.32 -0.85
C LYS A 152 0.30 10.17 -0.66
N HIS A 153 -0.19 9.01 -0.25
CA HIS A 153 0.68 7.85 0.00
C HIS A 153 1.13 7.07 -1.23
N CYS A 154 2.03 7.67 -2.01
CA CYS A 154 2.53 7.03 -3.22
C CYS A 154 3.37 5.82 -2.86
N GLY A 155 3.84 5.80 -1.62
CA GLY A 155 4.68 4.70 -1.17
C GLY A 155 3.88 3.47 -0.78
N ILE A 156 2.58 3.62 -0.66
CA ILE A 156 1.75 2.48 -0.31
C ILE A 156 1.34 1.80 -1.60
N SER A 157 2.26 1.00 -2.14
CA SER A 157 2.08 0.26 -3.39
C SER A 157 2.85 -1.06 -3.30
N HIS A 158 2.83 -1.86 -4.37
CA HIS A 158 3.49 -3.15 -4.32
C HIS A 158 4.99 -3.16 -4.05
N THR A 159 5.77 -2.22 -4.58
CA THR A 159 7.21 -2.20 -4.28
C THR A 159 7.51 -1.25 -3.14
N GLY A 160 6.47 -0.60 -2.62
CA GLY A 160 6.63 0.33 -1.52
C GLY A 160 7.24 1.65 -1.96
N SER A 161 7.15 1.95 -3.25
CA SER A 161 7.72 3.17 -3.78
C SER A 161 6.91 3.85 -4.87
N PHE A 162 7.11 5.16 -4.95
CA PHE A 162 6.50 6.06 -5.92
C PHE A 162 7.03 5.73 -7.33
N LYS A 163 8.19 5.08 -7.39
CA LYS A 163 8.80 4.74 -8.67
C LYS A 163 7.98 3.81 -9.54
N ASP A 164 7.06 3.07 -8.93
N ASP A 164 7.06 3.06 -8.92
CA ASP A 164 6.25 2.14 -9.71
CA ASP A 164 6.24 2.14 -9.69
C ASP A 164 5.43 2.87 -10.80
C ASP A 164 5.45 2.87 -10.80
N LEU A 165 5.03 4.10 -10.52
CA LEU A 165 4.26 4.87 -11.51
C LEU A 165 5.11 5.15 -12.75
N GLY A 166 6.41 5.31 -12.55
CA GLY A 166 7.29 5.59 -13.67
C GLY A 166 7.78 4.34 -14.38
N MSE A 167 8.04 3.28 -13.62
CA MSE A 167 8.53 2.03 -14.19
C MSE A 167 7.50 1.31 -15.04
O MSE A 167 7.87 0.59 -15.96
CB MSE A 167 9.07 1.09 -13.10
CG MSE A 167 10.35 1.60 -12.47
SE MSE A 167 11.66 2.19 -13.82
CE MSE A 167 12.96 2.97 -12.67
N THR A 168 6.21 1.50 -14.76
CA THR A 168 5.23 0.82 -15.59
C THR A 168 5.28 1.44 -16.98
N VAL A 169 5.53 2.74 -17.04
CA VAL A 169 5.62 3.41 -18.35
C VAL A 169 6.92 3.00 -19.05
N LEU A 170 8.05 3.15 -18.37
CA LEU A 170 9.33 2.80 -18.96
C LEU A 170 9.39 1.36 -19.44
N VAL A 171 8.99 0.42 -18.59
CA VAL A 171 9.02 -0.99 -18.96
C VAL A 171 8.01 -1.37 -20.04
N SER A 172 6.90 -0.64 -20.12
CA SER A 172 5.91 -0.93 -21.14
C SER A 172 6.48 -0.50 -22.50
N GLN A 173 7.10 0.67 -22.53
CA GLN A 173 7.69 1.20 -23.75
C GLN A 173 8.82 0.26 -24.19
N VAL A 174 9.64 -0.17 -23.24
CA VAL A 174 10.73 -1.08 -23.57
C VAL A 174 10.13 -2.38 -24.09
N ASN A 175 9.03 -2.81 -23.49
CA ASN A 175 8.36 -4.04 -23.93
C ASN A 175 7.83 -3.88 -25.37
N ARG A 176 7.38 -2.67 -25.70
CA ARG A 176 6.87 -2.39 -27.04
C ARG A 176 8.03 -2.48 -28.04
N LEU A 177 9.11 -1.77 -27.74
CA LEU A 177 10.29 -1.76 -28.61
C LEU A 177 10.85 -3.15 -28.78
N ARG A 178 10.76 -3.95 -27.72
CA ARG A 178 11.28 -5.31 -27.75
C ARG A 178 10.51 -6.17 -28.74
N LYS A 179 9.18 -6.03 -28.73
CA LYS A 179 8.31 -6.80 -29.62
C LYS A 179 8.40 -6.36 -31.07
N MSE A 180 8.69 -5.08 -31.32
CA MSE A 180 8.82 -4.58 -32.68
C MSE A 180 10.16 -5.07 -33.20
O MSE A 180 10.76 -4.47 -34.10
CB MSE A 180 8.80 -3.05 -32.70
CG MSE A 180 7.54 -2.43 -32.17
SE MSE A 180 7.58 -0.51 -32.32
CE MSE A 180 6.12 -0.27 -33.56
N LYS A 181 10.63 -6.16 -32.61
CA LYS A 181 11.91 -6.77 -32.95
C LYS A 181 13.08 -5.82 -32.92
N ARG A 182 12.89 -4.65 -32.32
CA ARG A 182 13.97 -3.67 -32.18
C ARG A 182 14.79 -4.30 -31.05
N PRO A 183 15.90 -4.95 -31.39
CA PRO A 183 16.76 -5.60 -30.39
C PRO A 183 16.89 -4.91 -29.03
N VAL A 184 16.41 -5.62 -28.01
CA VAL A 184 16.47 -5.17 -26.61
C VAL A 184 16.46 -6.45 -25.81
N VAL A 185 17.64 -6.96 -25.49
CA VAL A 185 17.77 -8.19 -24.76
C VAL A 185 17.46 -8.05 -23.27
N GLY A 186 17.46 -6.82 -22.78
CA GLY A 186 17.16 -6.59 -21.38
C GLY A 186 17.32 -5.15 -20.92
N VAL A 187 17.21 -4.96 -19.61
CA VAL A 187 17.34 -3.63 -19.02
C VAL A 187 18.43 -3.68 -17.97
N GLY A 188 19.19 -2.59 -17.86
CA GLY A 188 20.27 -2.54 -16.91
C GLY A 188 20.11 -1.44 -15.89
N CYS A 189 20.80 -1.60 -14.76
CA CYS A 189 20.69 -0.62 -13.69
C CYS A 189 21.97 -0.64 -12.86
N ALA A 190 22.40 0.53 -12.40
CA ALA A 190 23.62 0.61 -11.60
C ALA A 190 23.38 1.20 -10.22
N SER A 191 22.16 1.12 -9.73
CA SER A 191 21.86 1.65 -8.40
C SER A 191 21.27 0.58 -7.50
N THR A 192 21.19 0.86 -6.20
CA THR A 192 20.66 -0.10 -5.25
C THR A 192 19.39 0.32 -4.52
N GLY A 193 18.80 1.44 -4.91
CA GLY A 193 17.61 1.88 -4.23
C GLY A 193 16.26 1.47 -4.80
N ASP A 194 15.28 2.35 -4.62
CA ASP A 194 13.93 2.11 -5.08
C ASP A 194 13.79 2.00 -6.60
N THR A 195 14.60 2.75 -7.34
CA THR A 195 14.55 2.69 -8.80
C THR A 195 14.77 1.26 -9.25
N SER A 196 15.82 0.65 -8.72
CA SER A 196 16.16 -0.71 -9.08
C SER A 196 15.07 -1.71 -8.67
N ALA A 197 14.48 -1.50 -7.49
CA ALA A 197 13.42 -2.39 -7.02
C ALA A 197 12.21 -2.33 -7.95
N ALA A 198 11.79 -1.12 -8.32
CA ALA A 198 10.64 -0.97 -9.21
C ALA A 198 10.93 -1.50 -10.62
N LEU A 199 12.13 -1.20 -11.12
CA LEU A 199 12.51 -1.65 -12.46
C LEU A 199 12.46 -3.17 -12.58
N SER A 200 13.13 -3.87 -11.66
CA SER A 200 13.19 -5.32 -11.70
C SER A 200 11.84 -5.99 -11.49
N ALA A 201 10.98 -5.38 -10.68
CA ALA A 201 9.66 -5.95 -10.44
C ALA A 201 8.86 -5.95 -11.76
N TYR A 202 8.82 -4.81 -12.44
CA TYR A 202 8.09 -4.72 -13.70
C TYR A 202 8.74 -5.56 -14.80
N CYS A 203 10.07 -5.56 -14.86
CA CYS A 203 10.77 -6.38 -15.86
C CYS A 203 10.39 -7.85 -15.66
N ALA A 204 10.45 -8.31 -14.42
CA ALA A 204 10.10 -9.69 -14.10
C ALA A 204 8.69 -9.97 -14.58
N SER A 205 7.82 -9.00 -14.37
CA SER A 205 6.43 -9.10 -14.75
C SER A 205 6.23 -9.34 -16.25
N ALA A 206 7.10 -8.75 -17.06
CA ALA A 206 7.00 -8.92 -18.51
C ALA A 206 7.96 -10.00 -19.01
N GLY A 207 8.70 -10.62 -18.10
CA GLY A 207 9.65 -11.64 -18.52
C GLY A 207 10.82 -10.99 -19.25
N ILE A 208 11.14 -9.76 -18.88
CA ILE A 208 12.25 -9.04 -19.49
C ILE A 208 13.45 -9.12 -18.57
N PRO A 209 14.59 -9.58 -19.09
CA PRO A 209 15.80 -9.70 -18.28
C PRO A 209 16.17 -8.37 -17.64
N SER A 210 16.55 -8.43 -16.37
CA SER A 210 16.93 -7.24 -15.64
C SER A 210 18.31 -7.47 -15.03
N ILE A 211 19.21 -6.52 -15.28
CA ILE A 211 20.57 -6.65 -14.78
C ILE A 211 21.00 -5.49 -13.89
N VAL A 212 21.58 -5.83 -12.75
CA VAL A 212 22.06 -4.80 -11.82
C VAL A 212 23.58 -4.89 -11.75
N PHE A 213 24.23 -3.79 -12.07
CA PHE A 213 25.69 -3.67 -12.08
C PHE A 213 26.15 -2.92 -10.85
N LEU A 214 26.88 -3.59 -9.97
CA LEU A 214 27.34 -2.94 -8.75
C LEU A 214 28.72 -3.35 -8.27
N PRO A 215 29.42 -2.43 -7.60
CA PRO A 215 30.75 -2.75 -7.07
C PRO A 215 30.50 -3.73 -5.92
N ALA A 216 31.34 -4.75 -5.83
CA ALA A 216 31.19 -5.74 -4.78
C ALA A 216 31.00 -5.07 -3.41
N ASN A 217 31.80 -4.06 -3.12
CA ASN A 217 31.72 -3.37 -1.84
C ASN A 217 30.45 -2.55 -1.62
N LYS A 218 29.54 -2.57 -2.59
CA LYS A 218 28.28 -1.84 -2.47
C LYS A 218 27.10 -2.79 -2.40
N ILE A 219 27.38 -4.08 -2.42
CA ILE A 219 26.34 -5.11 -2.37
C ILE A 219 25.82 -5.30 -0.95
N SER A 220 24.51 -5.20 -0.80
CA SER A 220 23.86 -5.38 0.49
C SER A 220 22.58 -6.16 0.27
N MSE A 221 22.50 -7.38 0.80
CA MSE A 221 21.31 -8.21 0.64
C MSE A 221 20.04 -7.43 1.00
O MSE A 221 19.04 -7.54 0.30
CB MSE A 221 21.41 -9.46 1.52
CG MSE A 221 22.49 -10.44 1.09
SE MSE A 221 22.30 -10.86 -0.77
CE MSE A 221 21.07 -12.38 -0.66
N ALA A 222 20.11 -6.66 2.06
CA ALA A 222 18.95 -5.88 2.50
C ALA A 222 18.54 -4.83 1.47
N GLN A 223 19.52 -4.15 0.89
CA GLN A 223 19.24 -3.12 -0.10
C GLN A 223 18.78 -3.72 -1.42
N LEU A 224 19.14 -4.98 -1.66
CA LEU A 224 18.80 -5.65 -2.91
C LEU A 224 17.73 -6.73 -2.80
N VAL A 225 17.07 -6.84 -1.65
CA VAL A 225 16.07 -7.88 -1.47
C VAL A 225 15.02 -7.98 -2.58
N GLN A 226 14.53 -6.83 -3.06
CA GLN A 226 13.51 -6.91 -4.09
C GLN A 226 14.04 -7.35 -5.46
N PRO A 227 15.12 -6.72 -5.97
CA PRO A 227 15.60 -7.16 -7.28
C PRO A 227 15.98 -8.65 -7.22
N ILE A 228 16.52 -9.07 -6.08
CA ILE A 228 16.91 -10.47 -5.91
C ILE A 228 15.67 -11.35 -5.93
N ALA A 229 14.68 -11.02 -5.11
CA ALA A 229 13.48 -11.82 -5.08
C ALA A 229 12.78 -11.77 -6.44
N ASN A 230 12.93 -10.65 -7.14
CA ASN A 230 12.29 -10.49 -8.44
C ASN A 230 13.07 -11.11 -9.60
N GLY A 231 14.09 -11.90 -9.27
CA GLY A 231 14.87 -12.59 -10.29
C GLY A 231 15.87 -11.81 -11.11
N ALA A 232 16.20 -10.60 -10.68
CA ALA A 232 17.15 -9.80 -11.42
C ALA A 232 18.52 -10.49 -11.41
N PHE A 233 19.33 -10.21 -12.41
CA PHE A 233 20.67 -10.78 -12.49
C PHE A 233 21.57 -9.73 -11.83
N VAL A 234 21.93 -9.96 -10.57
CA VAL A 234 22.74 -9.01 -9.83
C VAL A 234 24.23 -9.33 -9.82
N LEU A 235 24.99 -8.49 -10.49
CA LEU A 235 26.44 -8.67 -10.59
C LEU A 235 27.22 -7.93 -9.53
N SER A 236 28.00 -8.68 -8.76
CA SER A 236 28.86 -8.12 -7.74
C SER A 236 30.23 -8.04 -8.41
N ILE A 237 30.57 -6.86 -8.90
CA ILE A 237 31.82 -6.66 -9.63
C ILE A 237 32.98 -6.20 -8.75
N ASP A 238 34.12 -6.85 -8.89
CA ASP A 238 35.29 -6.50 -8.11
C ASP A 238 35.99 -5.28 -8.67
N THR A 239 35.46 -4.11 -8.35
CA THR A 239 35.99 -2.83 -8.82
C THR A 239 35.24 -1.75 -8.05
N ASP A 240 35.47 -0.49 -8.38
CA ASP A 240 34.74 0.59 -7.71
C ASP A 240 33.66 1.14 -8.63
N PHE A 241 33.05 2.25 -8.23
CA PHE A 241 31.98 2.87 -9.01
C PHE A 241 32.41 3.24 -10.43
N ASP A 242 33.59 3.84 -10.57
CA ASP A 242 34.09 4.23 -11.87
C ASP A 242 34.39 3.03 -12.75
N GLY A 243 35.09 2.04 -12.20
CA GLY A 243 35.40 0.85 -12.98
C GLY A 243 34.11 0.20 -13.40
N CYS A 244 33.10 0.39 -12.58
CA CYS A 244 31.78 -0.18 -12.82
C CYS A 244 31.07 0.53 -13.98
N MSE A 245 31.05 1.85 -13.94
CA MSE A 245 30.42 2.63 -15.00
C MSE A 245 31.12 2.34 -16.33
O MSE A 245 30.47 2.24 -17.36
CB MSE A 245 30.50 4.14 -14.70
CG MSE A 245 29.78 4.60 -13.43
SE MSE A 245 27.86 4.16 -13.24
CE MSE A 245 27.23 4.77 -14.96
N LYS A 246 32.45 2.21 -16.29
CA LYS A 246 33.20 1.93 -17.50
C LYS A 246 32.76 0.59 -18.08
N LEU A 247 32.63 -0.42 -17.21
CA LEU A 247 32.21 -1.74 -17.67
C LEU A 247 30.82 -1.69 -18.28
N ILE A 248 29.93 -0.92 -17.66
CA ILE A 248 28.55 -0.80 -18.15
C ILE A 248 28.57 -0.16 -19.53
N ARG A 249 29.30 0.94 -19.66
CA ARG A 249 29.41 1.64 -20.94
C ARG A 249 29.87 0.65 -22.03
N GLU A 250 30.82 -0.21 -21.69
CA GLU A 250 31.33 -1.21 -22.63
C GLU A 250 30.32 -2.28 -22.96
N ILE A 251 29.69 -2.85 -21.94
CA ILE A 251 28.70 -3.90 -22.12
C ILE A 251 27.52 -3.45 -22.97
N THR A 252 26.97 -2.27 -22.66
CA THR A 252 25.83 -1.76 -23.40
C THR A 252 26.20 -1.34 -24.82
N ALA A 253 27.49 -1.18 -25.08
CA ALA A 253 27.93 -0.79 -26.41
C ALA A 253 27.86 -1.99 -27.36
N GLU A 254 27.95 -3.20 -26.82
CA GLU A 254 27.90 -4.39 -27.65
C GLU A 254 26.61 -5.18 -27.50
N LEU A 255 25.86 -4.92 -26.43
CA LEU A 255 24.61 -5.62 -26.19
C LEU A 255 23.45 -4.65 -26.11
N PRO A 256 22.27 -5.05 -26.61
CA PRO A 256 21.07 -4.21 -26.59
C PRO A 256 20.50 -4.21 -25.16
N ILE A 257 21.05 -3.35 -24.31
CA ILE A 257 20.60 -3.25 -22.93
C ILE A 257 20.39 -1.79 -22.57
N TYR A 258 19.14 -1.41 -22.32
CA TYR A 258 18.84 -0.03 -21.97
C TYR A 258 19.07 0.19 -20.48
N LEU A 259 19.59 1.35 -20.14
CA LEU A 259 19.85 1.66 -18.74
C LEU A 259 18.68 2.37 -18.08
N ALA A 260 18.34 1.95 -16.87
CA ALA A 260 17.24 2.51 -16.11
C ALA A 260 17.16 4.03 -16.18
N ASN A 261 18.21 4.70 -15.72
CA ASN A 261 18.23 6.16 -15.73
C ASN A 261 18.60 6.77 -17.08
N SER A 262 18.39 5.98 -18.15
CA SER A 262 18.66 6.42 -19.51
C SER A 262 17.35 6.94 -20.08
N LEU A 263 16.29 6.16 -19.91
CA LEU A 263 14.97 6.53 -20.39
C LEU A 263 14.25 7.25 -19.24
N ASN A 264 15.00 8.10 -18.56
CA ASN A 264 14.51 8.88 -17.43
C ASN A 264 13.29 9.74 -17.78
N SER A 265 13.35 10.41 -18.90
CA SER A 265 12.26 11.28 -19.34
C SER A 265 10.90 10.56 -19.39
N LEU A 266 10.92 9.31 -19.81
CA LEU A 266 9.70 8.51 -19.95
C LEU A 266 9.03 8.24 -18.59
N ARG A 267 9.83 8.09 -17.54
CA ARG A 267 9.30 7.82 -16.21
C ARG A 267 8.41 8.94 -15.71
N LEU A 268 8.75 10.16 -16.07
CA LEU A 268 8.00 11.32 -15.64
C LEU A 268 6.56 11.27 -16.18
N GLU A 269 6.36 10.58 -17.29
CA GLU A 269 5.03 10.49 -17.85
C GLU A 269 4.13 9.69 -16.92
N GLY A 270 4.70 8.66 -16.30
CA GLY A 270 3.93 7.86 -15.36
C GLY A 270 3.76 8.62 -14.05
N GLN A 271 4.86 9.14 -13.54
CA GLN A 271 4.84 9.88 -12.28
C GLN A 271 3.89 11.08 -12.22
N LYS A 272 3.66 11.74 -13.36
CA LYS A 272 2.79 12.91 -13.36
C LYS A 272 1.34 12.54 -13.09
N THR A 273 0.97 11.26 -13.28
CA THR A 273 -0.41 10.87 -13.05
C THR A 273 -0.81 10.95 -11.57
N ALA A 274 0.18 10.96 -10.68
CA ALA A 274 -0.11 11.06 -9.26
C ALA A 274 -0.78 12.41 -8.99
N ALA A 275 -0.33 13.45 -9.70
CA ALA A 275 -0.90 14.80 -9.56
C ALA A 275 -2.34 14.82 -10.08
N ILE A 276 -2.56 14.17 -11.22
CA ILE A 276 -3.88 14.12 -11.81
C ILE A 276 -4.81 13.38 -10.86
N GLU A 277 -4.29 12.35 -10.22
CA GLU A 277 -5.05 11.53 -9.28
C GLU A 277 -5.48 12.36 -8.06
N ILE A 278 -4.57 13.20 -7.57
CA ILE A 278 -4.90 14.05 -6.41
C ILE A 278 -6.10 14.93 -6.74
N LEU A 279 -6.11 15.51 -7.94
CA LEU A 279 -7.20 16.37 -8.39
C LEU A 279 -8.47 15.53 -8.45
N GLN A 280 -8.38 14.42 -9.15
CA GLN A 280 -9.50 13.52 -9.31
C GLN A 280 -10.11 13.12 -7.95
N GLN A 281 -9.24 12.82 -6.99
CA GLN A 281 -9.71 12.40 -5.67
C GLN A 281 -10.36 13.53 -4.88
N PHE A 282 -10.10 14.77 -5.27
CA PHE A 282 -10.71 15.92 -4.61
C PHE A 282 -11.87 16.40 -5.48
N ASP A 283 -12.40 15.49 -6.28
CA ASP A 283 -13.51 15.81 -7.17
C ASP A 283 -13.15 17.03 -8.02
N TRP A 284 -11.94 16.98 -8.59
CA TRP A 284 -11.40 18.01 -9.47
C TRP A 284 -11.28 19.42 -8.88
N GLN A 285 -10.87 19.49 -7.62
CA GLN A 285 -10.66 20.76 -6.95
C GLN A 285 -9.16 20.85 -6.71
N VAL A 286 -8.58 21.97 -7.11
CA VAL A 286 -7.15 22.16 -6.98
C VAL A 286 -6.71 22.55 -5.58
N PRO A 287 -5.75 21.79 -5.01
CA PRO A 287 -5.32 22.16 -3.67
C PRO A 287 -4.53 23.46 -3.73
N ASP A 288 -4.40 24.14 -2.60
CA ASP A 288 -3.66 25.39 -2.54
C ASP A 288 -2.16 25.14 -2.55
N TRP A 289 -1.74 24.07 -1.87
CA TRP A 289 -0.34 23.72 -1.79
C TRP A 289 -0.06 22.22 -1.89
N VAL A 290 1.02 21.88 -2.57
CA VAL A 290 1.46 20.51 -2.70
C VAL A 290 2.94 20.53 -2.33
N ILE A 291 3.31 19.73 -1.34
CA ILE A 291 4.68 19.68 -0.88
C ILE A 291 5.31 18.37 -1.31
N VAL A 292 6.32 18.48 -2.16
CA VAL A 292 7.00 17.33 -2.72
C VAL A 292 8.44 17.19 -2.24
N PRO A 293 8.73 16.13 -1.46
CA PRO A 293 10.09 15.91 -0.95
C PRO A 293 10.90 15.70 -2.21
N GLY A 294 11.92 16.54 -2.40
CA GLY A 294 12.73 16.45 -3.60
C GLY A 294 14.03 15.66 -3.61
N GLY A 295 14.05 14.43 -3.06
CA GLY A 295 15.29 13.66 -3.14
C GLY A 295 15.62 13.68 -4.62
N ASN A 296 14.78 13.03 -5.41
CA ASN A 296 14.95 13.01 -6.87
C ASN A 296 14.23 14.29 -7.33
N LEU A 297 14.97 15.24 -7.88
CA LEU A 297 14.38 16.50 -8.29
C LEU A 297 13.41 16.43 -9.47
N GLY A 298 13.30 15.26 -10.08
CA GLY A 298 12.37 15.10 -11.19
C GLY A 298 10.94 15.03 -10.69
N ASN A 299 10.75 14.59 -9.45
CA ASN A 299 9.43 14.44 -8.84
C ASN A 299 8.58 15.72 -8.92
N ILE A 300 9.12 16.81 -8.38
CA ILE A 300 8.43 18.09 -8.35
C ILE A 300 8.01 18.51 -9.75
N TYR A 301 8.86 18.23 -10.75
CA TYR A 301 8.53 18.59 -12.11
C TYR A 301 7.42 17.69 -12.64
N ALA A 302 7.45 16.41 -12.28
CA ALA A 302 6.41 15.47 -12.70
C ALA A 302 5.04 15.94 -12.19
N PHE A 303 4.96 16.30 -10.92
CA PHE A 303 3.70 16.77 -10.37
C PHE A 303 3.26 18.05 -11.11
N TYR A 304 4.19 18.97 -11.30
CA TYR A 304 3.89 20.20 -12.01
C TYR A 304 3.31 19.86 -13.38
N LYS A 305 3.98 18.94 -14.08
CA LYS A 305 3.55 18.52 -15.40
C LYS A 305 2.11 17.99 -15.36
N GLY A 306 1.79 17.23 -14.31
CA GLY A 306 0.45 16.67 -14.20
C GLY A 306 -0.61 17.72 -13.91
N PHE A 307 -0.34 18.61 -12.97
CA PHE A 307 -1.29 19.66 -12.63
C PHE A 307 -1.49 20.61 -13.82
N LYS A 308 -0.38 20.91 -14.50
CA LYS A 308 -0.39 21.81 -15.64
C LYS A 308 -1.23 21.31 -16.79
N MSO A 309 -1.11 20.02 -17.11
CA MSO A 309 -1.86 19.44 -18.21
CB MSO A 309 -1.40 18.00 -18.48
C MSO A 309 -3.37 19.48 -17.92
CG MSO A 309 -1.81 17.49 -19.86
SE MSO A 309 -1.20 15.82 -20.04
OE MSO A 309 0.26 15.82 -19.89
CE MSO A 309 -1.74 15.37 -21.69
O MSO A 309 -4.18 19.62 -18.81
N CYS A 310 -3.72 19.36 -16.64
CA CYS A 310 -5.13 19.38 -16.25
C CYS A 310 -5.73 20.77 -16.44
N GLN A 311 -4.95 21.79 -16.15
CA GLN A 311 -5.39 23.16 -16.28
C GLN A 311 -5.44 23.59 -17.75
N GLU A 312 -4.41 23.23 -18.50
CA GLU A 312 -4.34 23.58 -19.92
C GLU A 312 -5.47 22.95 -20.71
N LEU A 313 -5.89 21.75 -20.33
CA LEU A 313 -6.96 21.08 -21.04
C LEU A 313 -8.34 21.41 -20.47
N GLY A 314 -8.38 22.31 -19.51
CA GLY A 314 -9.65 22.72 -18.95
C GLY A 314 -10.34 21.84 -17.91
N LEU A 315 -9.65 20.82 -17.38
CA LEU A 315 -10.24 19.95 -16.37
C LEU A 315 -10.44 20.81 -15.13
N VAL A 316 -9.46 21.66 -14.87
CA VAL A 316 -9.50 22.59 -13.75
C VAL A 316 -8.98 23.90 -14.32
N ASP A 317 -9.12 25.00 -13.58
N ASP A 317 -9.13 25.00 -13.59
CA ASP A 317 -8.68 26.29 -14.07
CA ASP A 317 -8.67 26.29 -14.11
C ASP A 317 -7.43 26.86 -13.42
C ASP A 317 -7.39 26.83 -13.48
N ARG A 318 -6.79 26.09 -12.54
CA ARG A 318 -5.57 26.54 -11.91
C ARG A 318 -4.69 25.42 -11.42
N ILE A 319 -3.43 25.75 -11.14
CA ILE A 319 -2.50 24.76 -10.62
C ILE A 319 -2.17 25.19 -9.19
N PRO A 320 -1.74 24.25 -8.35
CA PRO A 320 -1.43 24.65 -6.97
C PRO A 320 -0.02 25.23 -6.88
N ARG A 321 0.25 25.95 -5.81
CA ARG A 321 1.60 26.47 -5.62
C ARG A 321 2.32 25.27 -5.02
N MSE A 322 3.60 25.12 -5.31
CA MSE A 322 4.32 23.98 -4.80
C MSE A 322 5.56 24.28 -3.98
O MSE A 322 6.20 25.32 -4.16
CB MSE A 322 4.68 23.05 -5.94
CG MSE A 322 3.49 22.68 -6.79
SE MSE A 322 3.93 21.22 -7.93
CE MSE A 322 5.30 22.08 -8.95
N VAL A 323 5.87 23.36 -3.08
CA VAL A 323 7.04 23.49 -2.23
C VAL A 323 7.92 22.27 -2.47
N CYS A 324 9.19 22.54 -2.75
CA CYS A 324 10.15 21.47 -2.93
C CYS A 324 10.85 21.40 -1.57
N ALA A 325 10.62 20.31 -0.83
CA ALA A 325 11.23 20.15 0.48
C ALA A 325 12.53 19.37 0.36
N GLN A 326 13.64 20.00 0.74
CA GLN A 326 14.94 19.37 0.63
C GLN A 326 15.63 19.17 1.96
N ALA A 327 16.52 18.19 2.01
CA ALA A 327 17.29 17.96 3.22
C ALA A 327 18.35 19.04 3.15
N ALA A 328 18.77 19.57 4.30
CA ALA A 328 19.78 20.62 4.34
C ALA A 328 21.04 20.24 3.56
N ASN A 329 21.53 21.17 2.74
CA ASN A 329 22.74 20.98 1.94
C ASN A 329 22.69 19.80 0.97
N ALA A 330 21.51 19.44 0.51
CA ALA A 330 21.38 18.33 -0.43
C ALA A 330 21.89 18.75 -1.82
N ASN A 331 21.67 20.00 -2.17
CA ASN A 331 22.10 20.52 -3.46
C ASN A 331 21.91 22.05 -3.47
N PRO A 332 22.32 22.72 -4.56
CA PRO A 332 22.18 24.17 -4.65
C PRO A 332 20.79 24.77 -4.90
N LEU A 333 19.77 23.92 -5.02
CA LEU A 333 18.42 24.40 -5.27
C LEU A 333 17.91 25.42 -4.25
N TYR A 334 18.07 25.12 -2.97
CA TYR A 334 17.61 26.02 -1.92
C TYR A 334 18.26 27.40 -2.02
N LEU A 335 19.58 27.42 -2.20
CA LEU A 335 20.32 28.68 -2.31
C LEU A 335 19.76 29.51 -3.47
N HIS A 336 19.72 28.90 -4.65
CA HIS A 336 19.20 29.59 -5.83
C HIS A 336 17.83 30.17 -5.57
N TYR A 337 16.98 29.41 -4.89
CA TYR A 337 15.65 29.90 -4.60
C TYR A 337 15.74 31.16 -3.74
N LYS A 338 16.61 31.11 -2.74
CA LYS A 338 16.77 32.23 -1.84
C LYS A 338 17.34 33.46 -2.56
N SER A 339 18.12 33.23 -3.61
CA SER A 339 18.69 34.32 -4.38
C SER A 339 17.78 34.67 -5.56
N GLY A 340 16.50 34.31 -5.44
CA GLY A 340 15.53 34.60 -6.48
C GLY A 340 15.80 34.05 -7.87
N TRP A 341 16.57 32.96 -7.95
CA TRP A 341 16.91 32.31 -9.21
C TRP A 341 17.89 33.12 -10.08
N LYS A 342 18.19 34.34 -9.64
CA LYS A 342 19.08 35.24 -10.36
C LYS A 342 20.41 34.62 -10.83
N ASP A 343 21.02 33.79 -10.00
CA ASP A 343 22.30 33.18 -10.36
C ASP A 343 22.20 31.79 -10.96
N PHE A 344 21.00 31.36 -11.32
CA PHE A 344 20.83 30.03 -11.88
C PHE A 344 21.18 29.95 -13.36
N LYS A 345 22.02 28.97 -13.70
CA LYS A 345 22.46 28.75 -15.09
C LYS A 345 22.06 27.37 -15.57
N PRO A 346 21.18 27.30 -16.59
CA PRO A 346 20.72 26.03 -17.14
C PRO A 346 21.87 25.07 -17.44
N VAL A 363 22.07 17.07 -8.94
CA VAL A 363 22.14 16.23 -10.14
C VAL A 363 21.11 16.69 -11.17
N SER A 364 21.35 17.88 -11.73
CA SER A 364 20.45 18.45 -12.73
C SER A 364 19.17 18.96 -12.08
N ILE A 365 19.18 20.23 -11.70
CA ILE A 365 18.03 20.85 -11.06
C ILE A 365 17.22 21.69 -12.06
N ASP A 366 17.58 21.60 -13.33
CA ASP A 366 16.90 22.35 -14.38
C ASP A 366 15.38 22.20 -14.34
N ARG A 367 14.92 20.95 -14.32
CA ARG A 367 13.49 20.66 -14.30
C ARG A 367 12.78 21.22 -13.08
N ALA A 368 13.39 21.05 -11.91
CA ALA A 368 12.80 21.54 -10.68
C ALA A 368 12.68 23.06 -10.71
N VAL A 369 13.74 23.74 -11.16
CA VAL A 369 13.73 25.20 -11.24
C VAL A 369 12.61 25.67 -12.15
N TYR A 370 12.56 25.08 -13.34
CA TYR A 370 11.52 25.41 -14.32
C TYR A 370 10.14 25.30 -13.68
N ALA A 371 9.87 24.15 -13.06
CA ALA A 371 8.59 23.90 -12.41
C ALA A 371 8.27 24.92 -11.32
N LEU A 372 9.20 25.11 -10.40
CA LEU A 372 8.98 26.04 -9.30
C LEU A 372 8.70 27.45 -9.80
N LYS A 373 9.40 27.85 -10.85
CA LYS A 373 9.18 29.18 -11.43
C LYS A 373 7.76 29.26 -11.98
N LYS A 374 7.38 28.24 -12.76
CA LYS A 374 6.06 28.18 -13.36
C LYS A 374 4.89 28.20 -12.39
N CYS A 375 5.09 27.68 -11.19
CA CYS A 375 3.99 27.66 -10.22
C CYS A 375 4.20 28.55 -9.01
N ASN A 376 5.11 29.52 -9.13
CA ASN A 376 5.39 30.43 -8.02
C ASN A 376 5.74 29.56 -6.81
N GLY A 377 6.60 28.57 -7.05
CA GLY A 377 7.00 27.64 -6.02
C GLY A 377 8.01 28.14 -4.99
N ILE A 378 8.29 27.27 -4.03
CA ILE A 378 9.21 27.57 -2.94
C ILE A 378 10.08 26.37 -2.62
N VAL A 379 11.28 26.64 -2.08
CA VAL A 379 12.19 25.59 -1.68
C VAL A 379 12.49 25.81 -0.21
N GLU A 380 12.47 24.74 0.58
CA GLU A 380 12.77 24.82 2.00
C GLU A 380 13.62 23.62 2.41
N GLU A 381 14.35 23.78 3.51
CA GLU A 381 15.24 22.72 4.00
C GLU A 381 14.84 22.14 5.34
N ALA A 382 15.48 21.04 5.69
CA ALA A 382 15.25 20.36 6.95
C ALA A 382 16.55 19.70 7.32
N THR A 383 16.97 19.90 8.57
CA THR A 383 18.20 19.28 9.02
C THR A 383 17.89 17.81 9.31
N GLU A 384 18.93 17.02 9.49
CA GLU A 384 18.77 15.61 9.79
C GLU A 384 17.89 15.41 11.02
N GLU A 385 18.14 16.20 12.06
CA GLU A 385 17.38 16.10 13.29
C GLU A 385 15.92 16.61 13.17
N GLU A 386 15.71 17.68 12.40
CA GLU A 386 14.35 18.19 12.24
C GLU A 386 13.50 17.12 11.52
N LEU A 387 14.09 16.56 10.49
CA LEU A 387 13.47 15.53 9.67
C LEU A 387 13.05 14.33 10.53
N MSE A 388 13.95 13.88 11.40
CA MSE A 388 13.68 12.75 12.28
C MSE A 388 12.67 13.11 13.36
O MSE A 388 11.78 12.31 13.66
CB MSE A 388 14.97 12.26 12.92
CG MSE A 388 15.94 11.72 11.90
SE MSE A 388 15.26 10.14 11.06
CE MSE A 388 15.28 8.98 12.64
N ASP A 389 12.79 14.29 13.95
CA ASP A 389 11.84 14.67 14.98
C ASP A 389 10.46 14.80 14.37
N ALA A 390 10.39 15.39 13.18
CA ALA A 390 9.10 15.55 12.52
C ALA A 390 8.52 14.15 12.24
N MSE A 391 9.39 13.23 11.84
CA MSE A 391 8.93 11.87 11.57
C MSE A 391 8.30 11.26 12.84
O MSE A 391 7.21 10.69 12.79
CB MSE A 391 10.10 11.01 11.10
CG MSE A 391 9.75 9.55 10.99
SE MSE A 391 11.25 8.51 10.42
CE MSE A 391 11.99 8.16 12.14
N ALA A 392 8.99 11.41 13.96
CA ALA A 392 8.50 10.87 15.23
C ALA A 392 7.18 11.53 15.63
N GLN A 393 7.05 12.82 15.40
CA GLN A 393 5.82 13.51 15.76
C GLN A 393 4.68 13.02 14.86
N ALA A 394 4.95 12.86 13.57
CA ALA A 394 3.92 12.39 12.65
C ALA A 394 3.50 10.97 13.08
N ASP A 395 4.47 10.11 13.33
CA ASP A 395 4.16 8.74 13.74
C ASP A 395 3.36 8.71 15.03
N SER A 396 3.63 9.65 15.92
CA SER A 396 2.93 9.69 17.20
C SER A 396 1.44 9.97 17.01
N THR A 397 1.06 10.48 15.85
CA THR A 397 -0.36 10.73 15.61
C THR A 397 -1.01 9.58 14.87
N GLY A 398 -0.29 8.47 14.70
CA GLY A 398 -0.90 7.34 14.02
C GLY A 398 -0.36 7.00 12.64
N MSE A 399 0.53 7.83 12.10
CA MSE A 399 1.11 7.57 10.80
C MSE A 399 2.35 6.69 10.98
O MSE A 399 2.73 6.37 12.10
CB MSE A 399 1.53 8.89 10.11
CG MSE A 399 0.37 9.74 9.59
SE MSE A 399 1.00 11.44 8.76
CE MSE A 399 0.59 12.53 10.29
N PHE A 400 2.97 6.31 9.86
CA PHE A 400 4.18 5.50 9.88
C PHE A 400 4.85 5.93 8.57
N ILE A 401 5.47 7.12 8.62
CA ILE A 401 6.08 7.76 7.47
C ILE A 401 7.56 7.52 7.19
N CYS A 402 7.97 7.92 6.00
CA CYS A 402 9.36 7.81 5.59
C CYS A 402 10.06 9.10 5.99
N PRO A 403 11.40 9.12 5.99
CA PRO A 403 12.17 10.32 6.36
C PRO A 403 11.85 11.52 5.46
N HIS A 404 11.71 11.31 4.15
CA HIS A 404 11.40 12.40 3.25
C HIS A 404 10.13 13.13 3.67
N THR A 405 9.15 12.40 4.19
CA THR A 405 7.92 13.03 4.62
C THR A 405 8.24 13.91 5.84
N GLY A 406 9.26 13.53 6.59
CA GLY A 406 9.66 14.33 7.74
C GLY A 406 10.20 15.66 7.22
N VAL A 407 10.96 15.58 6.13
CA VAL A 407 11.50 16.78 5.50
C VAL A 407 10.35 17.65 5.04
N ALA A 408 9.37 17.03 4.39
CA ALA A 408 8.19 17.73 3.88
C ALA A 408 7.42 18.44 4.99
N LEU A 409 7.24 17.77 6.12
CA LEU A 409 6.50 18.35 7.23
C LEU A 409 7.32 19.44 7.91
N THR A 410 8.64 19.26 7.98
CA THR A 410 9.49 20.28 8.57
C THR A 410 9.33 21.54 7.74
N ALA A 411 9.37 21.37 6.42
CA ALA A 411 9.23 22.50 5.51
C ALA A 411 7.85 23.13 5.71
N LEU A 412 6.84 22.28 5.88
CA LEU A 412 5.48 22.79 6.09
C LEU A 412 5.42 23.61 7.37
N PHE A 413 6.08 23.13 8.41
CA PHE A 413 6.09 23.86 9.67
C PHE A 413 6.67 25.26 9.44
N LYS A 414 7.87 25.30 8.85
CA LYS A 414 8.52 26.57 8.58
C LYS A 414 7.65 27.53 7.79
N LEU A 415 7.12 27.07 6.67
CA LEU A 415 6.27 27.93 5.86
C LEU A 415 5.00 28.35 6.58
N ARG A 416 4.63 27.62 7.63
CA ARG A 416 3.45 27.97 8.41
C ARG A 416 3.83 29.13 9.32
N ASN A 417 4.99 29.04 9.95
CA ASN A 417 5.47 30.11 10.83
C ASN A 417 5.66 31.38 10.02
N GLN A 418 6.36 31.27 8.90
CA GLN A 418 6.62 32.40 8.03
C GLN A 418 5.34 33.01 7.50
N GLY A 419 4.21 32.34 7.72
CA GLY A 419 2.94 32.87 7.26
C GLY A 419 2.68 32.64 5.77
N VAL A 420 3.57 31.91 5.12
CA VAL A 420 3.43 31.63 3.69
C VAL A 420 2.23 30.72 3.43
N ILE A 421 2.04 29.74 4.30
CA ILE A 421 0.91 28.82 4.16
C ILE A 421 -0.08 29.07 5.28
N ALA A 422 -1.33 29.35 4.89
CA ALA A 422 -2.39 29.65 5.85
C ALA A 422 -2.94 28.42 6.54
N PRO A 423 -3.45 28.58 7.77
CA PRO A 423 -4.01 27.45 8.53
C PRO A 423 -5.11 26.67 7.81
N THR A 424 -5.83 27.32 6.92
CA THR A 424 -6.91 26.65 6.20
C THR A 424 -6.57 26.27 4.76
N ASP A 425 -5.32 26.41 4.38
CA ASP A 425 -4.95 26.05 3.01
C ASP A 425 -5.02 24.54 2.78
N ARG A 426 -5.70 24.12 1.72
CA ARG A 426 -5.78 22.71 1.40
C ARG A 426 -4.37 22.33 0.91
N THR A 427 -3.67 21.56 1.73
CA THR A 427 -2.30 21.17 1.45
C THR A 427 -2.10 19.66 1.36
N VAL A 428 -1.34 19.24 0.36
CA VAL A 428 -1.06 17.84 0.16
C VAL A 428 0.43 17.54 0.22
N VAL A 429 0.82 16.69 1.16
CA VAL A 429 2.22 16.30 1.29
C VAL A 429 2.37 14.96 0.56
N VAL A 430 3.38 14.84 -0.28
CA VAL A 430 3.61 13.62 -1.03
C VAL A 430 4.60 12.69 -0.32
N SER A 431 4.15 11.49 0.00
CA SER A 431 5.00 10.48 0.63
C SER A 431 5.42 9.57 -0.52
N THR A 432 6.72 9.38 -0.72
CA THR A 432 7.18 8.58 -1.84
C THR A 432 7.61 7.15 -1.56
N ALA A 433 7.68 6.77 -0.30
CA ALA A 433 8.11 5.43 0.06
C ALA A 433 7.43 4.99 1.35
N HIS A 434 7.09 3.70 1.41
CA HIS A 434 6.42 3.15 2.58
C HIS A 434 7.30 3.24 3.82
N GLY A 435 6.70 3.63 4.95
CA GLY A 435 7.45 3.72 6.18
C GLY A 435 8.08 2.39 6.58
N LEU A 436 7.50 1.28 6.13
CA LEU A 436 8.05 -0.03 6.47
C LEU A 436 9.47 -0.20 5.96
N LYS A 437 9.89 0.62 5.00
CA LYS A 437 11.25 0.53 4.47
C LYS A 437 12.25 1.24 5.38
N PHE A 438 11.76 1.89 6.43
CA PHE A 438 12.66 2.63 7.31
C PHE A 438 12.53 2.25 8.77
N THR A 439 12.28 0.99 9.04
CA THR A 439 12.13 0.55 10.42
C THR A 439 13.42 0.67 11.22
N GLN A 440 14.56 0.39 10.61
CA GLN A 440 15.82 0.48 11.35
C GLN A 440 16.04 1.89 11.85
N SER A 441 15.77 2.85 10.98
CA SER A 441 15.89 4.26 11.32
C SER A 441 15.03 4.59 12.53
N LYS A 442 13.77 4.14 12.52
CA LYS A 442 12.86 4.43 13.63
C LYS A 442 13.35 3.77 14.91
N ILE A 443 13.80 2.52 14.79
CA ILE A 443 14.32 1.77 15.93
C ILE A 443 15.51 2.53 16.55
N ASP A 444 16.42 3.00 15.71
CA ASP A 444 17.59 3.72 16.18
C ASP A 444 17.19 4.98 16.95
N TYR A 445 16.27 5.75 16.37
CA TYR A 445 15.81 6.98 16.99
C TYR A 445 15.12 6.70 18.33
N HIS A 446 14.21 5.73 18.35
CA HIS A 446 13.48 5.42 19.56
C HIS A 446 14.27 4.70 20.65
N SER A 447 15.47 4.26 20.32
CA SER A 447 16.30 3.59 21.31
C SER A 447 17.48 4.52 21.61
N ASN A 448 17.31 5.80 21.26
CA ASN A 448 18.33 6.83 21.47
C ASN A 448 19.69 6.35 21.01
N ALA A 449 19.74 5.79 19.81
CA ALA A 449 20.98 5.26 19.26
C ALA A 449 21.46 5.96 18.01
N ILE A 450 21.06 7.21 17.82
CA ILE A 450 21.50 7.98 16.65
C ILE A 450 22.52 9.01 17.14
N PRO A 451 23.81 8.77 16.86
CA PRO A 451 24.88 9.67 17.26
C PRO A 451 24.68 11.11 16.79
N ASP A 452 24.97 12.06 17.70
CA ASP A 452 24.83 13.48 17.41
C ASP A 452 23.38 13.89 17.21
N MSE A 453 22.52 13.42 18.09
CA MSE A 453 21.09 13.74 18.02
C MSE A 453 20.41 13.42 19.34
O MSE A 453 20.67 12.39 19.95
CB MSE A 453 20.42 12.98 16.89
CG MSE A 453 19.00 13.42 16.65
SE MSE A 453 18.22 12.50 15.17
CE MSE A 453 19.52 12.94 13.80
N ALA A 454 19.52 14.31 19.77
CA ALA A 454 18.81 14.12 21.02
C ALA A 454 17.74 13.02 21.01
N CYS A 455 17.11 12.79 19.86
CA CYS A 455 16.04 11.79 19.78
C CYS A 455 15.04 12.17 20.86
N ARG A 456 14.76 13.46 20.94
CA ARG A 456 13.88 14.00 21.96
C ARG A 456 12.47 13.42 22.07
N PHE A 457 12.02 12.72 21.03
CA PHE A 457 10.68 12.14 21.08
C PHE A 457 10.70 10.62 21.08
N SER A 458 11.82 10.05 21.53
CA SER A 458 11.92 8.60 21.58
C SER A 458 10.88 8.05 22.55
N ASN A 459 10.37 6.87 22.22
CA ASN A 459 9.37 6.21 23.04
C ASN A 459 9.75 4.76 23.30
N PRO A 460 10.88 4.55 23.99
CA PRO A 460 11.34 3.19 24.28
C PRO A 460 10.42 2.47 25.25
N PRO A 461 10.48 1.14 25.26
CA PRO A 461 9.65 0.34 26.17
C PRO A 461 10.09 0.68 27.60
N VAL A 462 9.14 0.66 28.52
CA VAL A 462 9.43 0.96 29.91
C VAL A 462 9.53 -0.30 30.74
N ASP A 463 10.67 -0.47 31.42
CA ASP A 463 10.88 -1.64 32.26
C ASP A 463 10.12 -1.46 33.57
N VAL A 464 9.47 -2.53 34.01
CA VAL A 464 8.72 -2.48 35.26
C VAL A 464 8.72 -3.87 35.90
N LYS A 465 8.65 -3.89 37.24
CA LYS A 465 8.64 -5.18 37.94
C LYS A 465 7.24 -5.75 37.93
N ALA A 466 7.14 -7.08 37.98
CA ALA A 466 5.86 -7.76 37.97
C ALA A 466 5.12 -7.59 39.29
N ASP A 467 4.84 -6.35 39.65
CA ASP A 467 4.14 -6.03 40.88
C ASP A 467 2.97 -5.08 40.58
N PHE A 468 1.76 -5.53 40.93
CA PHE A 468 0.56 -4.74 40.71
C PHE A 468 0.73 -3.27 41.09
N GLY A 469 1.33 -3.04 42.25
CA GLY A 469 1.53 -1.67 42.70
C GLY A 469 2.44 -0.90 41.77
N ALA A 470 3.55 -1.52 41.39
CA ALA A 470 4.52 -0.88 40.50
C ALA A 470 3.86 -0.56 39.16
N VAL A 471 3.26 -1.57 38.54
CA VAL A 471 2.58 -1.39 37.25
C VAL A 471 1.53 -0.30 37.35
N MSE A 472 0.69 -0.36 38.38
CA MSE A 472 -0.35 0.64 38.55
C MSE A 472 0.21 2.04 38.64
O MSE A 472 -0.41 2.99 38.14
CB MSE A 472 -1.16 0.34 39.82
CG MSE A 472 -2.36 -0.57 39.61
SE MSE A 472 -3.67 0.14 38.36
CE MSE A 472 -4.38 1.58 39.40
N ASP A 473 1.38 2.19 39.24
CA ASP A 473 1.99 3.51 39.38
C ASP A 473 2.44 4.12 38.05
N VAL A 474 3.11 3.33 37.22
CA VAL A 474 3.56 3.84 35.93
C VAL A 474 2.36 4.18 35.05
N LEU A 475 1.34 3.31 35.04
CA LEU A 475 0.14 3.55 34.24
C LEU A 475 -0.56 4.82 34.70
N LYS A 476 -0.69 4.99 36.01
CA LYS A 476 -1.34 6.17 36.56
C LYS A 476 -0.68 7.44 36.01
N SER A 477 0.65 7.48 36.07
CA SER A 477 1.40 8.62 35.56
C SER A 477 1.12 8.81 34.08
N TYR A 478 1.34 7.76 33.31
CA TYR A 478 1.10 7.79 31.87
C TYR A 478 -0.28 8.36 31.56
N LEU A 479 -1.31 7.75 32.11
CA LEU A 479 -2.68 8.19 31.87
C LEU A 479 -2.97 9.59 32.39
N GLY A 480 -1.97 10.20 33.03
CA GLY A 480 -2.11 11.55 33.55
C GLY A 480 -3.40 11.79 34.33
N SER A 481 -3.67 10.90 35.29
CA SER A 481 -4.88 10.98 36.10
C SER A 481 -4.77 11.87 37.36
N ASN A 482 -3.79 12.77 37.38
CA ASN A 482 -3.64 13.66 38.53
C ASN A 482 -4.32 14.99 38.20
N THR A 483 -5.06 15.53 39.17
CA THR A 483 -5.80 16.78 38.98
C THR A 483 -4.95 18.05 39.10
N LEU A 484 -3.92 18.01 39.94
CA LEU A 484 -3.05 19.16 40.12
C LEU A 484 -1.99 19.26 39.03
N THR A 485 -1.34 18.14 38.73
CA THR A 485 -0.31 18.10 37.70
C THR A 485 -0.92 17.59 36.40
N SER A 486 -2.23 17.74 36.28
CA SER A 486 -2.99 17.30 35.10
C SER A 486 -2.38 17.80 33.78
N PRO B 17 -11.89 26.81 5.70
CA PRO B 17 -12.13 26.84 7.17
C PRO B 17 -12.71 25.52 7.70
N HIS B 18 -13.46 24.84 6.85
CA HIS B 18 -14.08 23.56 7.25
C HIS B 18 -13.32 22.31 6.83
N ARG B 19 -13.39 21.29 7.68
CA ARG B 19 -12.74 20.00 7.44
C ARG B 19 -13.80 19.10 6.82
N THR B 20 -13.39 17.94 6.29
CA THR B 20 -14.36 17.04 5.67
C THR B 20 -15.44 16.54 6.63
N GLU B 21 -15.19 16.58 7.92
CA GLU B 21 -16.20 16.15 8.89
C GLU B 21 -17.33 17.18 8.95
N ASP B 22 -16.99 18.45 8.81
CA ASP B 22 -17.98 19.53 8.82
C ASP B 22 -18.76 19.42 7.53
N ASN B 23 -18.03 19.27 6.43
CA ASN B 23 -18.61 19.17 5.11
C ASN B 23 -19.77 18.17 5.05
N ILE B 24 -19.62 17.04 5.74
CA ILE B 24 -20.66 16.02 5.73
C ILE B 24 -21.66 16.11 6.87
N ARG B 25 -21.31 16.82 7.94
CA ARG B 25 -22.24 16.96 9.05
C ARG B 25 -23.42 17.74 8.50
N ASP B 26 -23.21 18.36 7.34
CA ASP B 26 -24.22 19.13 6.64
C ASP B 26 -25.07 18.20 5.78
N GLU B 27 -24.93 16.89 6.01
CA GLU B 27 -25.67 15.87 5.26
C GLU B 27 -25.20 15.81 3.81
N VAL B 36 -34.41 9.43 11.01
CA VAL B 36 -34.22 8.26 11.86
C VAL B 36 -33.43 7.15 11.16
N ASN B 37 -32.52 6.55 11.91
CA ASN B 37 -31.68 5.48 11.38
C ASN B 37 -32.38 4.13 11.44
N PRO B 38 -32.77 3.60 10.28
CA PRO B 38 -33.47 2.30 10.19
C PRO B 38 -32.59 1.09 10.46
N PHE B 39 -31.27 1.27 10.39
CA PHE B 39 -30.34 0.16 10.58
C PHE B 39 -29.75 0.05 11.97
N SER B 40 -29.44 -1.18 12.35
CA SER B 40 -28.84 -1.44 13.65
C SER B 40 -28.21 -2.82 13.68
N ALA B 41 -27.38 -3.06 14.67
CA ALA B 41 -26.73 -4.34 14.81
C ALA B 41 -26.53 -4.62 16.30
N LYS B 42 -26.36 -5.88 16.67
CA LYS B 42 -26.17 -6.24 18.07
C LYS B 42 -25.37 -7.52 18.20
N TYR B 43 -24.79 -7.76 19.37
CA TYR B 43 -24.04 -8.99 19.60
C TYR B 43 -25.06 -10.12 19.74
N VAL B 44 -24.72 -11.28 19.22
CA VAL B 44 -25.59 -12.43 19.28
C VAL B 44 -24.70 -13.66 19.42
N PRO B 45 -25.19 -14.70 20.13
CA PRO B 45 -24.30 -15.87 20.24
C PRO B 45 -23.99 -16.40 18.84
N PHE B 46 -22.72 -16.71 18.59
CA PHE B 46 -22.35 -17.22 17.28
C PHE B 46 -23.11 -18.49 16.96
N ASN B 47 -23.83 -18.48 15.84
CA ASN B 47 -24.57 -19.64 15.37
C ASN B 47 -25.38 -20.36 16.45
N ALA B 48 -26.53 -19.80 16.81
CA ALA B 48 -27.37 -20.43 17.84
C ALA B 48 -28.82 -20.59 17.38
N ALA B 49 -29.69 -20.94 18.33
CA ALA B 49 -31.12 -21.09 18.06
C ALA B 49 -31.72 -19.70 18.36
N PRO B 50 -33.04 -19.58 18.58
CA PRO B 50 -33.61 -18.25 18.86
C PRO B 50 -32.90 -17.38 19.94
N GLY B 51 -31.89 -17.97 20.58
CA GLY B 51 -31.08 -17.34 21.61
C GLY B 51 -31.28 -15.93 22.19
N SER B 52 -30.18 -15.40 22.74
CA SER B 52 -30.16 -14.08 23.36
C SER B 52 -29.58 -12.96 22.48
N THR B 53 -29.18 -11.86 23.11
CA THR B 53 -28.64 -10.70 22.41
C THR B 53 -28.07 -9.62 23.32
N GLU B 54 -26.93 -9.05 22.94
CA GLU B 54 -26.29 -7.98 23.71
C GLU B 54 -26.15 -6.74 22.84
N SER B 55 -25.88 -5.59 23.46
CA SER B 55 -25.73 -4.33 22.73
C SER B 55 -24.25 -4.03 22.53
N TYR B 56 -23.92 -3.27 21.49
CA TYR B 56 -22.51 -2.94 21.23
C TYR B 56 -21.97 -1.95 22.25
N SER B 57 -22.86 -1.31 22.98
CA SER B 57 -22.45 -0.37 24.00
C SER B 57 -21.88 -1.18 25.17
N LEU B 58 -22.34 -2.42 25.29
CA LEU B 58 -21.87 -3.31 26.36
C LEU B 58 -20.53 -3.94 25.97
N ASP B 59 -19.84 -4.52 26.93
CA ASP B 59 -18.55 -5.14 26.66
C ASP B 59 -18.59 -6.65 26.77
N GLU B 60 -19.73 -7.22 26.43
CA GLU B 60 -19.89 -8.67 26.47
C GLU B 60 -18.71 -9.28 25.74
N ILE B 61 -18.37 -10.51 26.06
CA ILE B 61 -17.25 -11.17 25.39
C ILE B 61 -17.58 -12.63 25.11
N VAL B 62 -18.63 -13.14 25.76
CA VAL B 62 -19.07 -14.52 25.58
C VAL B 62 -20.56 -14.66 25.86
N GLY B 69 -19.07 -19.47 24.87
CA GLY B 69 -19.60 -19.26 23.53
C GLY B 69 -19.21 -17.92 22.90
N LEU B 70 -18.68 -17.96 21.69
CA LEU B 70 -18.27 -16.75 20.98
C LEU B 70 -19.46 -15.88 20.59
N LEU B 71 -19.23 -14.58 20.55
CA LEU B 71 -20.27 -13.64 20.15
C LEU B 71 -20.08 -13.30 18.69
N ASP B 72 -21.16 -12.91 18.04
CA ASP B 72 -21.12 -12.54 16.63
C ASP B 72 -21.94 -11.26 16.50
N VAL B 73 -21.58 -10.42 15.55
CA VAL B 73 -22.32 -9.18 15.34
C VAL B 73 -23.43 -9.45 14.35
N GLU B 74 -24.67 -9.16 14.75
CA GLU B 74 -25.81 -9.40 13.87
C GLU B 74 -26.51 -8.10 13.52
N HIS B 75 -26.67 -7.89 12.22
CA HIS B 75 -27.33 -6.71 11.71
C HIS B 75 -28.79 -7.04 11.47
N ASP B 76 -29.64 -6.02 11.57
CA ASP B 76 -31.06 -6.20 11.34
C ASP B 76 -31.29 -6.40 9.86
N MSE B 77 -31.27 -7.66 9.43
CA MSE B 77 -31.48 -8.01 8.03
C MSE B 77 -32.83 -7.55 7.52
O MSE B 77 -33.02 -7.28 6.33
CB MSE B 77 -31.35 -9.53 7.84
CG MSE B 77 -29.92 -10.02 7.98
SE MSE B 77 -28.74 -9.07 6.72
CE MSE B 77 -29.42 -9.79 5.06
N GLU B 78 -33.80 -7.46 8.42
CA GLU B 78 -35.14 -7.02 8.08
C GLU B 78 -35.07 -5.59 7.54
N ALA B 79 -34.43 -4.72 8.31
CA ALA B 79 -34.30 -3.33 7.91
C ALA B 79 -33.51 -3.18 6.60
N LEU B 80 -32.41 -3.93 6.48
CA LEU B 80 -31.58 -3.87 5.28
C LEU B 80 -32.27 -4.37 4.03
N LYS B 81 -33.09 -5.41 4.15
CA LYS B 81 -33.78 -5.96 2.98
C LYS B 81 -34.86 -5.03 2.44
N ARG B 82 -35.16 -3.97 3.17
CA ARG B 82 -36.17 -3.00 2.73
C ARG B 82 -35.62 -2.23 1.54
N PHE B 83 -34.33 -2.41 1.25
CA PHE B 83 -33.70 -1.75 0.12
C PHE B 83 -33.19 -2.87 -0.78
N ASP B 84 -33.51 -2.80 -2.07
CA ASP B 84 -33.09 -3.87 -2.97
C ASP B 84 -31.60 -3.93 -3.30
N GLY B 85 -31.22 -4.95 -4.05
CA GLY B 85 -29.83 -5.14 -4.43
C GLY B 85 -29.27 -3.99 -5.23
N ALA B 86 -30.04 -3.52 -6.21
CA ALA B 86 -29.61 -2.42 -7.05
C ALA B 86 -29.37 -1.17 -6.21
N TYR B 87 -30.15 -0.99 -5.15
CA TYR B 87 -29.97 0.19 -4.31
C TYR B 87 -28.64 0.13 -3.58
N TRP B 88 -28.29 -1.05 -3.06
CA TRP B 88 -27.03 -1.20 -2.33
C TRP B 88 -25.84 -1.11 -3.27
N ARG B 89 -25.89 -1.81 -4.41
CA ARG B 89 -24.78 -1.74 -5.38
C ARG B 89 -24.51 -0.28 -5.76
N ASP B 90 -25.57 0.45 -6.09
CA ASP B 90 -25.42 1.84 -6.50
C ASP B 90 -24.99 2.75 -5.36
N LEU B 91 -25.49 2.51 -4.16
CA LEU B 91 -25.11 3.37 -3.04
C LEU B 91 -23.62 3.24 -2.80
N PHE B 92 -23.14 2.00 -2.77
CA PHE B 92 -21.72 1.75 -2.54
C PHE B 92 -20.86 2.24 -3.69
N ASP B 93 -21.28 1.96 -4.93
CA ASP B 93 -20.51 2.39 -6.08
C ASP B 93 -20.40 3.92 -6.16
N SER B 94 -21.42 4.62 -5.71
CA SER B 94 -21.39 6.08 -5.75
C SER B 94 -20.35 6.65 -4.81
N ARG B 95 -19.85 5.82 -3.89
CA ARG B 95 -18.84 6.27 -2.93
C ARG B 95 -17.42 5.90 -3.33
N VAL B 96 -17.28 5.16 -4.43
CA VAL B 96 -15.96 4.77 -4.90
C VAL B 96 -15.15 5.97 -5.40
N GLY B 97 -13.92 6.08 -4.94
CA GLY B 97 -13.05 7.16 -5.39
C GLY B 97 -13.27 8.52 -4.75
N LYS B 98 -14.13 8.58 -3.75
CA LYS B 98 -14.43 9.84 -3.05
C LYS B 98 -13.49 10.07 -1.87
N SER B 99 -13.30 11.34 -1.53
CA SER B 99 -12.45 11.70 -0.40
C SER B 99 -13.29 12.34 0.70
N THR B 100 -14.59 12.10 0.64
CA THR B 100 -15.51 12.63 1.64
C THR B 100 -15.41 11.83 2.94
N TRP B 101 -16.00 12.37 4.00
CA TRP B 101 -15.98 11.72 5.30
C TRP B 101 -17.31 11.03 5.56
N PRO B 102 -17.27 9.74 5.95
CA PRO B 102 -16.08 8.92 6.14
C PRO B 102 -16.00 7.92 4.97
N TYR B 103 -16.80 8.16 3.94
CA TYR B 103 -16.87 7.26 2.80
C TYR B 103 -15.61 7.09 1.98
N GLY B 104 -14.56 7.84 2.32
CA GLY B 104 -13.31 7.71 1.61
C GLY B 104 -12.64 6.39 1.99
N SER B 105 -13.12 5.80 3.08
CA SER B 105 -12.62 4.53 3.59
C SER B 105 -13.33 3.35 2.92
N GLY B 106 -12.58 2.30 2.59
CA GLY B 106 -13.17 1.12 1.99
C GLY B 106 -14.08 0.42 2.99
N VAL B 107 -13.88 0.69 4.27
CA VAL B 107 -14.71 0.09 5.30
C VAL B 107 -15.98 0.94 5.52
N TRP B 108 -15.78 2.22 5.81
CA TRP B 108 -16.91 3.10 6.06
C TRP B 108 -17.79 3.42 4.87
N SER B 109 -17.31 3.13 3.67
CA SER B 109 -18.14 3.36 2.48
C SER B 109 -19.28 2.32 2.53
N LYS B 110 -19.19 1.39 3.47
CA LYS B 110 -20.21 0.36 3.68
C LYS B 110 -20.73 0.48 5.10
N LYS B 111 -20.67 1.68 5.65
CA LYS B 111 -21.09 1.95 7.02
C LYS B 111 -22.40 1.32 7.46
N GLU B 112 -23.41 1.40 6.59
CA GLU B 112 -24.70 0.85 6.93
C GLU B 112 -24.63 -0.64 7.28
N TRP B 113 -23.58 -1.31 6.81
CA TRP B 113 -23.43 -2.74 7.07
C TRP B 113 -22.36 -3.08 8.09
N VAL B 114 -21.72 -2.05 8.65
CA VAL B 114 -20.64 -2.28 9.60
C VAL B 114 -21.01 -1.82 11.00
N LEU B 115 -21.16 -0.51 11.20
CA LEU B 115 -21.56 0.06 12.49
C LEU B 115 -22.61 1.09 12.15
N PRO B 116 -23.80 0.65 11.71
CA PRO B 116 -24.91 1.53 11.33
C PRO B 116 -25.26 2.69 12.25
N GLU B 117 -25.09 2.53 13.56
CA GLU B 117 -25.47 3.59 14.48
C GLU B 117 -24.39 4.54 14.98
N ILE B 118 -23.15 4.29 14.61
CA ILE B 118 -22.11 5.19 15.09
C ILE B 118 -22.23 6.54 14.38
N ASP B 119 -21.87 7.60 15.10
CA ASP B 119 -21.92 8.95 14.55
C ASP B 119 -20.61 9.24 13.85
N ASP B 120 -20.68 9.78 12.63
CA ASP B 120 -19.48 10.09 11.88
C ASP B 120 -18.42 10.80 12.70
N ASP B 121 -18.84 11.56 13.72
CA ASP B 121 -17.90 12.30 14.56
C ASP B 121 -17.05 11.38 15.42
N ASP B 122 -17.49 10.14 15.60
CA ASP B 122 -16.76 9.19 16.44
C ASP B 122 -15.89 8.24 15.62
N ILE B 123 -16.12 8.19 14.31
CA ILE B 123 -15.34 7.31 13.46
C ILE B 123 -13.86 7.68 13.43
N VAL B 124 -13.02 6.67 13.63
CA VAL B 124 -11.57 6.85 13.61
C VAL B 124 -11.10 6.09 12.37
N SER B 125 -10.69 6.82 11.34
CA SER B 125 -10.28 6.20 10.09
C SER B 125 -9.14 6.91 9.38
N ALA B 126 -8.34 6.13 8.65
CA ALA B 126 -7.23 6.69 7.90
C ALA B 126 -7.48 6.38 6.43
N PHE B 127 -8.75 6.13 6.10
CA PHE B 127 -9.16 5.79 4.75
C PHE B 127 -8.54 4.46 4.29
N GLU B 128 -8.51 3.51 5.22
CA GLU B 128 -8.02 2.16 4.96
C GLU B 128 -9.00 1.53 3.96
N GLY B 129 -8.64 0.40 3.38
CA GLY B 129 -9.54 -0.23 2.42
C GLY B 129 -9.24 0.22 1.01
N ASN B 130 -10.10 -0.15 0.06
CA ASN B 130 -9.89 0.18 -1.34
C ASN B 130 -8.51 -0.32 -1.74
N SER B 131 -8.13 -1.47 -1.22
CA SER B 131 -6.82 -2.04 -1.53
C SER B 131 -6.76 -2.60 -2.94
N ASN B 132 -5.55 -2.61 -3.48
CA ASN B 132 -5.26 -3.09 -4.81
C ASN B 132 -5.71 -4.54 -5.09
N LEU B 133 -6.41 -4.72 -6.20
CA LEU B 133 -6.85 -6.05 -6.62
C LEU B 133 -6.01 -6.26 -7.88
N PHE B 134 -4.97 -7.08 -7.73
CA PHE B 134 -4.00 -7.35 -8.77
C PHE B 134 -4.23 -8.60 -9.62
N TRP B 135 -4.11 -8.46 -10.94
CA TRP B 135 -4.28 -9.58 -11.86
C TRP B 135 -2.90 -10.26 -12.02
N ALA B 136 -2.75 -11.45 -11.44
CA ALA B 136 -1.49 -12.20 -11.52
C ALA B 136 -1.39 -12.92 -12.86
N GLU B 137 -1.28 -12.15 -13.94
CA GLU B 137 -1.21 -12.71 -15.28
C GLU B 137 -0.08 -13.71 -15.47
N ARG B 138 1.15 -13.24 -15.30
CA ARG B 138 2.30 -14.11 -15.50
C ARG B 138 2.34 -15.36 -14.61
N PHE B 139 2.19 -15.18 -13.30
CA PHE B 139 2.24 -16.32 -12.41
C PHE B 139 1.11 -17.29 -12.72
N GLY B 140 -0.08 -16.75 -12.88
CA GLY B 140 -1.23 -17.59 -13.19
C GLY B 140 -1.00 -18.45 -14.42
N LYS B 141 -0.57 -17.82 -15.50
CA LYS B 141 -0.33 -18.53 -16.74
C LYS B 141 0.89 -19.46 -16.76
N GLN B 142 2.05 -18.93 -16.37
CA GLN B 142 3.26 -19.73 -16.38
C GLN B 142 3.34 -20.87 -15.38
N PHE B 143 2.79 -20.68 -14.19
CA PHE B 143 2.86 -21.71 -13.17
C PHE B 143 1.58 -22.48 -12.88
N LEU B 144 0.44 -21.99 -13.33
CA LEU B 144 -0.81 -22.68 -13.02
C LEU B 144 -1.74 -22.87 -14.22
N GLY B 145 -1.29 -22.48 -15.39
CA GLY B 145 -2.13 -22.62 -16.58
C GLY B 145 -3.44 -21.88 -16.42
N MSE B 146 -3.44 -20.82 -15.62
CA MSE B 146 -4.64 -20.02 -15.37
C MSE B 146 -4.60 -18.68 -16.08
O MSE B 146 -3.54 -18.09 -16.31
CB MSE B 146 -4.81 -19.79 -13.88
CG MSE B 146 -5.00 -21.06 -13.08
SE MSE B 146 -5.21 -20.68 -11.20
CE MSE B 146 -7.13 -20.54 -11.18
N ASN B 147 -5.78 -18.18 -16.44
CA ASN B 147 -5.88 -16.92 -17.13
C ASN B 147 -6.64 -15.86 -16.30
N ASP B 148 -7.22 -16.27 -15.17
CA ASP B 148 -8.00 -15.34 -14.36
C ASP B 148 -7.74 -15.47 -12.86
N LEU B 149 -6.46 -15.41 -12.49
CA LEU B 149 -6.01 -15.50 -11.11
C LEU B 149 -5.69 -14.08 -10.61
N TRP B 150 -6.18 -13.75 -9.42
CA TRP B 150 -5.95 -12.43 -8.85
C TRP B 150 -5.52 -12.49 -7.40
N VAL B 151 -4.91 -11.40 -6.94
CA VAL B 151 -4.48 -11.26 -5.55
C VAL B 151 -5.09 -9.97 -4.97
N LYS B 152 -5.76 -10.11 -3.84
CA LYS B 152 -6.35 -8.97 -3.15
C LYS B 152 -5.28 -8.56 -2.15
N HIS B 153 -4.60 -7.45 -2.41
CA HIS B 153 -3.53 -6.97 -1.54
C HIS B 153 -3.98 -6.20 -0.30
N CYS B 154 -4.53 -6.92 0.67
CA CYS B 154 -5.00 -6.31 1.90
C CYS B 154 -3.82 -5.79 2.69
N GLY B 155 -2.65 -6.36 2.42
CA GLY B 155 -1.45 -5.94 3.14
C GLY B 155 -0.85 -4.64 2.63
N ILE B 156 -1.33 -4.17 1.48
CA ILE B 156 -0.81 -2.92 0.94
C ILE B 156 -1.67 -1.79 1.50
N SER B 157 -1.36 -1.43 2.75
CA SER B 157 -2.07 -0.39 3.49
C SER B 157 -1.07 0.34 4.39
N HIS B 158 -1.55 1.30 5.17
CA HIS B 158 -0.65 2.07 6.02
C HIS B 158 0.14 1.29 7.08
N THR B 159 -0.45 0.30 7.74
CA THR B 159 0.33 -0.47 8.73
C THR B 159 0.91 -1.73 8.08
N GLY B 160 0.59 -1.93 6.80
CA GLY B 160 1.08 -3.08 6.07
C GLY B 160 0.32 -4.35 6.43
N SER B 161 -0.85 -4.18 7.01
CA SER B 161 -1.65 -5.33 7.42
C SER B 161 -3.14 -5.21 7.16
N PHE B 162 -3.74 -6.38 7.01
CA PHE B 162 -5.17 -6.57 6.79
C PHE B 162 -5.94 -6.14 8.04
N LYS B 163 -5.25 -6.14 9.18
CA LYS B 163 -5.87 -5.79 10.47
C LYS B 163 -6.42 -4.36 10.55
N ASP B 164 -5.91 -3.46 9.71
N ASP B 164 -5.90 -3.46 9.72
CA ASP B 164 -6.38 -2.08 9.72
CA ASP B 164 -6.38 -2.09 9.73
C ASP B 164 -7.89 -2.02 9.47
C ASP B 164 -7.89 -2.05 9.52
N LEU B 165 -8.40 -2.93 8.64
CA LEU B 165 -9.85 -2.95 8.36
C LEU B 165 -10.66 -3.25 9.61
N GLY B 166 -10.11 -4.08 10.49
CA GLY B 166 -10.81 -4.43 11.70
C GLY B 166 -10.61 -3.43 12.82
N MSE B 167 -9.41 -2.87 12.93
CA MSE B 167 -9.12 -1.89 13.96
C MSE B 167 -9.85 -0.55 13.79
O MSE B 167 -10.09 0.13 14.78
CB MSE B 167 -7.61 -1.63 14.07
CG MSE B 167 -6.86 -2.79 14.68
SE MSE B 167 -7.73 -3.45 16.32
CE MSE B 167 -6.74 -5.09 16.49
N THR B 168 -10.19 -0.18 12.56
CA THR B 168 -10.88 1.09 12.39
C THR B 168 -12.26 0.95 13.04
N VAL B 169 -12.85 -0.24 12.90
CA VAL B 169 -14.16 -0.50 13.49
C VAL B 169 -14.03 -0.58 15.02
N LEU B 170 -13.14 -1.43 15.52
CA LEU B 170 -12.95 -1.58 16.95
C LEU B 170 -12.60 -0.26 17.64
N VAL B 171 -11.61 0.46 17.11
CA VAL B 171 -11.23 1.72 17.73
C VAL B 171 -12.30 2.81 17.61
N SER B 172 -13.11 2.75 16.56
CA SER B 172 -14.18 3.74 16.41
C SER B 172 -15.25 3.47 17.48
N GLN B 173 -15.59 2.21 17.67
CA GLN B 173 -16.60 1.83 18.66
C GLN B 173 -16.09 2.22 20.04
N VAL B 174 -14.83 1.93 20.31
CA VAL B 174 -14.24 2.28 21.59
C VAL B 174 -14.27 3.80 21.76
N ASN B 175 -14.04 4.53 20.67
CA ASN B 175 -14.05 5.99 20.71
C ASN B 175 -15.46 6.48 21.03
N ARG B 176 -16.47 5.78 20.50
CA ARG B 176 -17.87 6.13 20.74
C ARG B 176 -18.19 5.94 22.22
N LEU B 177 -17.88 4.77 22.74
CA LEU B 177 -18.14 4.45 24.14
C LEU B 177 -17.41 5.41 25.05
N ARG B 178 -16.20 5.79 24.66
CA ARG B 178 -15.40 6.71 25.44
C ARG B 178 -16.10 8.06 25.58
N LYS B 179 -16.63 8.57 24.48
CA LYS B 179 -17.31 9.86 24.47
C LYS B 179 -18.64 9.84 25.21
N MSE B 180 -19.31 8.70 25.23
CA MSE B 180 -20.59 8.59 25.93
C MSE B 180 -20.26 8.52 27.42
O MSE B 180 -21.04 7.98 28.22
CB MSE B 180 -21.35 7.32 25.52
CG MSE B 180 -21.71 7.24 24.06
SE MSE B 180 -22.72 5.64 23.69
CE MSE B 180 -24.35 6.46 23.05
N LYS B 181 -19.10 9.04 27.77
CA LYS B 181 -18.63 9.06 29.14
C LYS B 181 -18.65 7.69 29.81
N ARG B 182 -18.74 6.63 29.01
CA ARG B 182 -18.70 5.27 29.53
C ARG B 182 -17.20 5.11 29.73
N PRO B 183 -16.73 5.23 30.99
CA PRO B 183 -15.30 5.10 31.31
C PRO B 183 -14.48 4.10 30.50
N VAL B 184 -13.53 4.63 29.74
CA VAL B 184 -12.60 3.87 28.92
C VAL B 184 -11.37 4.75 28.84
N VAL B 185 -10.41 4.50 29.72
CA VAL B 185 -9.19 5.30 29.79
C VAL B 185 -8.19 4.93 28.69
N GLY B 186 -8.36 3.75 28.10
CA GLY B 186 -7.45 3.33 27.06
C GLY B 186 -7.71 1.92 26.57
N VAL B 187 -6.82 1.42 25.72
CA VAL B 187 -6.94 0.09 25.16
C VAL B 187 -5.66 -0.66 25.50
N GLY B 188 -5.79 -1.95 25.78
CA GLY B 188 -4.64 -2.75 26.12
C GLY B 188 -4.43 -3.88 25.15
N CYS B 189 -3.22 -4.41 25.13
CA CYS B 189 -2.88 -5.48 24.20
C CYS B 189 -1.73 -6.30 24.79
N ALA B 190 -1.73 -7.61 24.52
CA ALA B 190 -0.68 -8.47 25.05
C ALA B 190 0.06 -9.25 23.96
N SER B 191 0.00 -8.74 22.73
CA SER B 191 0.66 -9.39 21.60
C SER B 191 1.69 -8.47 20.96
N THR B 192 2.55 -9.01 20.11
CA THR B 192 3.58 -8.22 19.46
C THR B 192 3.47 -8.20 17.94
N GLY B 193 2.41 -8.74 17.40
CA GLY B 193 2.28 -8.76 15.94
C GLY B 193 1.52 -7.64 15.29
N ASP B 194 0.91 -7.97 14.16
CA ASP B 194 0.15 -7.01 13.38
C ASP B 194 -1.06 -6.44 14.10
N THR B 195 -1.70 -7.24 14.95
CA THR B 195 -2.86 -6.79 15.69
C THR B 195 -2.51 -5.57 16.52
N SER B 196 -1.38 -5.67 17.21
CA SER B 196 -0.90 -4.59 18.05
C SER B 196 -0.51 -3.36 17.22
N ALA B 197 0.13 -3.58 16.07
CA ALA B 197 0.53 -2.46 15.22
C ALA B 197 -0.69 -1.67 14.76
N ALA B 198 -1.70 -2.37 14.26
CA ALA B 198 -2.90 -1.71 13.78
C ALA B 198 -3.67 -1.03 14.92
N LEU B 199 -3.75 -1.69 16.06
CA LEU B 199 -4.45 -1.13 17.21
C LEU B 199 -3.84 0.18 17.67
N SER B 200 -2.53 0.17 17.89
CA SER B 200 -1.86 1.37 18.34
C SER B 200 -1.90 2.52 17.33
N ALA B 201 -1.88 2.19 16.05
CA ALA B 201 -1.92 3.21 15.00
C ALA B 201 -3.25 3.95 15.06
N TYR B 202 -4.35 3.20 15.12
CA TYR B 202 -5.66 3.83 15.19
C TYR B 202 -5.89 4.54 16.53
N CYS B 203 -5.42 3.95 17.63
CA CYS B 203 -5.58 4.60 18.94
C CYS B 203 -4.88 5.94 18.93
N ALA B 204 -3.64 5.96 18.43
CA ALA B 204 -2.85 7.18 18.35
C ALA B 204 -3.61 8.20 17.51
N SER B 205 -4.27 7.71 16.48
CA SER B 205 -5.03 8.57 15.58
C SER B 205 -6.17 9.30 16.31
N ALA B 206 -6.80 8.63 17.28
CA ALA B 206 -7.90 9.21 18.03
C ALA B 206 -7.43 9.81 19.34
N GLY B 207 -6.13 9.73 19.61
CA GLY B 207 -5.62 10.27 20.85
C GLY B 207 -6.07 9.40 22.02
N ILE B 208 -6.25 8.11 21.76
CA ILE B 208 -6.66 7.15 22.78
C ILE B 208 -5.43 6.41 23.26
N PRO B 209 -5.14 6.45 24.57
CA PRO B 209 -3.98 5.76 25.12
C PRO B 209 -3.98 4.28 24.72
N SER B 210 -2.81 3.78 24.38
CA SER B 210 -2.67 2.39 23.97
C SER B 210 -1.57 1.76 24.82
N ILE B 211 -1.87 0.63 25.43
CA ILE B 211 -0.90 -0.03 26.28
C ILE B 211 -0.59 -1.45 25.84
N VAL B 212 0.70 -1.78 25.80
CA VAL B 212 1.13 -3.11 25.40
C VAL B 212 1.78 -3.78 26.61
N PHE B 213 1.24 -4.92 27.00
CA PHE B 213 1.72 -5.70 28.14
C PHE B 213 2.54 -6.89 27.65
N LEU B 214 3.83 -6.89 27.93
CA LEU B 214 4.66 -8.00 27.47
C LEU B 214 5.74 -8.46 28.44
N PRO B 215 6.11 -9.75 28.36
CA PRO B 215 7.16 -10.28 29.24
C PRO B 215 8.46 -9.68 28.70
N ALA B 216 9.35 -9.25 29.59
CA ALA B 216 10.61 -8.65 29.17
C ALA B 216 11.31 -9.49 28.11
N ASN B 217 11.35 -10.80 28.30
CA ASN B 217 12.04 -11.67 27.36
C ASN B 217 11.35 -11.80 25.99
N LYS B 218 10.24 -11.10 25.82
CA LYS B 218 9.51 -11.14 24.55
C LYS B 218 9.57 -9.79 23.82
N ILE B 219 10.30 -8.84 24.40
CA ILE B 219 10.45 -7.51 23.83
C ILE B 219 11.46 -7.46 22.69
N SER B 220 11.01 -7.05 21.51
CA SER B 220 11.87 -6.94 20.34
C SER B 220 11.58 -5.61 19.65
N MSE B 221 12.55 -4.70 19.65
CA MSE B 221 12.35 -3.41 19.00
C MSE B 221 11.82 -3.57 17.58
O MSE B 221 10.96 -2.82 17.14
CB MSE B 221 13.67 -2.61 18.98
CG MSE B 221 14.17 -2.18 20.35
SE MSE B 221 12.86 -1.15 21.39
CE MSE B 221 13.20 0.62 20.64
N ALA B 222 12.33 -4.57 16.86
CA ALA B 222 11.89 -4.81 15.49
C ALA B 222 10.41 -5.19 15.44
N GLN B 223 9.99 -6.06 16.37
CA GLN B 223 8.60 -6.50 16.38
C GLN B 223 7.66 -5.41 16.89
N LEU B 224 8.21 -4.46 17.65
CA LEU B 224 7.41 -3.39 18.23
C LEU B 224 7.61 -2.01 17.60
N VAL B 225 8.34 -1.94 16.50
CA VAL B 225 8.61 -0.65 15.86
C VAL B 225 7.36 0.21 15.62
N GLN B 226 6.25 -0.39 15.19
CA GLN B 226 5.07 0.43 14.95
C GLN B 226 4.40 0.95 16.22
N PRO B 227 4.07 0.06 17.19
CA PRO B 227 3.43 0.55 18.41
C PRO B 227 4.30 1.61 19.06
N ILE B 228 5.61 1.41 18.99
CA ILE B 228 6.56 2.35 19.58
C ILE B 228 6.52 3.67 18.85
N ALA B 229 6.65 3.63 17.52
CA ALA B 229 6.61 4.86 16.76
C ALA B 229 5.24 5.53 16.94
N ASN B 230 4.20 4.73 17.11
CA ASN B 230 2.84 5.24 17.28
C ASN B 230 2.51 5.71 18.71
N GLY B 231 3.52 5.83 19.55
CA GLY B 231 3.32 6.33 20.90
C GLY B 231 2.68 5.43 21.93
N ALA B 232 2.56 4.15 21.64
CA ALA B 232 1.98 3.23 22.59
C ALA B 232 2.85 3.15 23.84
N PHE B 233 2.22 2.85 24.98
CA PHE B 233 2.94 2.72 26.23
C PHE B 233 3.27 1.23 26.31
N VAL B 234 4.51 0.88 25.96
CA VAL B 234 4.93 -0.52 25.95
C VAL B 234 5.62 -0.93 27.24
N LEU B 235 4.98 -1.80 28.00
CA LEU B 235 5.53 -2.28 29.26
C LEU B 235 6.33 -3.56 29.15
N SER B 236 7.59 -3.48 29.56
CA SER B 236 8.48 -4.64 29.56
C SER B 236 8.38 -5.15 31.00
N ILE B 237 7.57 -6.19 31.20
CA ILE B 237 7.36 -6.72 32.54
C ILE B 237 8.26 -7.92 32.84
N ASP B 238 8.94 -7.84 33.98
CA ASP B 238 9.83 -8.92 34.39
C ASP B 238 9.06 -10.12 34.94
N THR B 239 8.60 -10.97 34.04
CA THR B 239 7.84 -12.16 34.37
C THR B 239 7.59 -12.90 33.06
N ASP B 240 6.81 -13.98 33.10
CA ASP B 240 6.52 -14.74 31.88
C ASP B 240 5.12 -14.44 31.38
N PHE B 241 4.71 -15.15 30.33
CA PHE B 241 3.40 -14.95 29.74
C PHE B 241 2.28 -15.07 30.78
N ASP B 242 2.32 -16.13 31.57
CA ASP B 242 1.30 -16.36 32.59
C ASP B 242 1.29 -15.25 33.63
N GLY B 243 2.46 -14.92 34.17
CA GLY B 243 2.54 -13.88 35.16
C GLY B 243 2.04 -12.59 34.55
N CYS B 244 2.18 -12.50 33.23
CA CYS B 244 1.75 -11.31 32.51
C CYS B 244 0.22 -11.27 32.40
N MSE B 245 -0.37 -12.36 31.93
CA MSE B 245 -1.83 -12.42 31.80
C MSE B 245 -2.47 -12.11 33.15
O MSE B 245 -3.48 -11.42 33.24
CB MSE B 245 -2.29 -13.81 31.33
CG MSE B 245 -1.82 -14.20 29.94
SE MSE B 245 -2.19 -12.82 28.61
CE MSE B 245 -4.12 -12.74 28.74
N LYS B 246 -1.86 -12.62 34.22
CA LYS B 246 -2.39 -12.39 35.56
C LYS B 246 -2.38 -10.91 35.91
N LEU B 247 -1.29 -10.25 35.56
CA LEU B 247 -1.16 -8.82 35.83
C LEU B 247 -2.18 -8.01 35.02
N ILE B 248 -2.38 -8.39 33.76
CA ILE B 248 -3.32 -7.69 32.88
C ILE B 248 -4.73 -7.79 33.47
N ARG B 249 -5.12 -9.00 33.83
CA ARG B 249 -6.44 -9.25 34.40
C ARG B 249 -6.66 -8.37 35.63
N GLU B 250 -5.62 -8.27 36.47
CA GLU B 250 -5.73 -7.44 37.66
C GLU B 250 -5.83 -5.96 37.30
N ILE B 251 -5.00 -5.52 36.37
CA ILE B 251 -5.00 -4.12 35.93
C ILE B 251 -6.33 -3.71 35.31
N THR B 252 -6.83 -4.51 34.37
CA THR B 252 -8.08 -4.19 33.70
C THR B 252 -9.26 -4.32 34.66
N ALA B 253 -9.06 -5.04 35.75
CA ALA B 253 -10.12 -5.22 36.73
C ALA B 253 -10.36 -3.94 37.53
N GLU B 254 -9.33 -3.10 37.64
CA GLU B 254 -9.47 -1.86 38.38
C GLU B 254 -9.44 -0.62 37.52
N LEU B 255 -9.02 -0.77 36.26
CA LEU B 255 -8.97 0.35 35.33
C LEU B 255 -9.80 0.07 34.09
N PRO B 256 -10.45 1.10 33.54
CA PRO B 256 -11.27 0.96 32.34
C PRO B 256 -10.33 0.83 31.14
N ILE B 257 -9.94 -0.40 30.83
CA ILE B 257 -9.04 -0.67 29.71
C ILE B 257 -9.52 -1.90 28.97
N TYR B 258 -9.96 -1.72 27.74
CA TYR B 258 -10.43 -2.84 26.95
C TYR B 258 -9.26 -3.52 26.28
N LEU B 259 -9.33 -4.84 26.17
CA LEU B 259 -8.26 -5.60 25.55
C LEU B 259 -8.52 -5.80 24.07
N ALA B 260 -7.46 -5.69 23.27
CA ALA B 260 -7.55 -5.85 21.84
C ALA B 260 -8.38 -7.05 21.40
N ASN B 261 -7.93 -8.25 21.77
CA ASN B 261 -8.64 -9.47 21.39
C ASN B 261 -9.87 -9.76 22.26
N SER B 262 -10.39 -8.71 22.88
CA SER B 262 -11.59 -8.82 23.72
C SER B 262 -12.80 -8.49 22.84
N LEU B 263 -12.70 -7.39 22.11
CA LEU B 263 -13.76 -6.95 21.21
C LEU B 263 -13.46 -7.53 19.82
N ASN B 264 -13.00 -8.76 19.83
CA ASN B 264 -12.64 -9.49 18.62
C ASN B 264 -13.79 -9.55 17.60
N SER B 265 -14.98 -9.84 18.09
CA SER B 265 -16.16 -9.93 17.22
C SER B 265 -16.36 -8.69 16.35
N LEU B 266 -16.08 -7.53 16.93
CA LEU B 266 -16.26 -6.25 16.24
C LEU B 266 -15.32 -6.07 15.05
N ARG B 267 -14.09 -6.54 15.17
CA ARG B 267 -13.15 -6.37 14.08
C ARG B 267 -13.56 -7.13 12.80
N LEU B 268 -14.34 -8.19 12.96
CA LEU B 268 -14.79 -8.97 11.80
C LEU B 268 -15.73 -8.12 10.94
N GLU B 269 -16.41 -7.17 11.55
CA GLU B 269 -17.32 -6.32 10.80
C GLU B 269 -16.53 -5.47 9.81
N GLY B 270 -15.32 -5.05 10.20
CA GLY B 270 -14.50 -4.29 9.30
C GLY B 270 -13.87 -5.21 8.25
N GLN B 271 -13.27 -6.28 8.73
CA GLN B 271 -12.62 -7.25 7.84
C GLN B 271 -13.52 -7.79 6.72
N LYS B 272 -14.81 -7.97 6.99
CA LYS B 272 -15.70 -8.49 5.97
C LYS B 272 -15.88 -7.57 4.77
N THR B 273 -15.57 -6.27 4.91
CA THR B 273 -15.74 -5.36 3.79
C THR B 273 -14.75 -5.65 2.66
N ALA B 274 -13.65 -6.32 2.97
CA ALA B 274 -12.67 -6.66 1.93
C ALA B 274 -13.33 -7.57 0.89
N ALA B 275 -14.25 -8.43 1.34
CA ALA B 275 -14.95 -9.34 0.45
C ALA B 275 -15.93 -8.56 -0.42
N ILE B 276 -16.64 -7.63 0.21
CA ILE B 276 -17.60 -6.81 -0.53
C ILE B 276 -16.82 -6.07 -1.61
N GLU B 277 -15.63 -5.59 -1.24
CA GLU B 277 -14.78 -4.83 -2.14
C GLU B 277 -14.39 -5.66 -3.36
N ILE B 278 -14.00 -6.91 -3.13
CA ILE B 278 -13.63 -7.78 -4.24
C ILE B 278 -14.77 -7.84 -5.27
N LEU B 279 -15.98 -8.03 -4.77
CA LEU B 279 -17.16 -8.09 -5.63
C LEU B 279 -17.31 -6.76 -6.39
N GLN B 280 -17.30 -5.67 -5.65
CA GLN B 280 -17.43 -4.34 -6.21
C GLN B 280 -16.38 -4.12 -7.32
N GLN B 281 -15.14 -4.50 -7.05
CA GLN B 281 -14.08 -4.31 -8.03
C GLN B 281 -14.25 -5.15 -9.28
N PHE B 282 -15.03 -6.23 -9.19
CA PHE B 282 -15.27 -7.07 -10.35
C PHE B 282 -16.63 -6.70 -10.95
N ASP B 283 -17.05 -5.47 -10.67
CA ASP B 283 -18.32 -4.97 -11.17
C ASP B 283 -19.44 -5.93 -10.74
N TRP B 284 -19.41 -6.29 -9.47
CA TRP B 284 -20.40 -7.18 -8.86
C TRP B 284 -20.55 -8.56 -9.48
N GLN B 285 -19.42 -9.16 -9.83
CA GLN B 285 -19.40 -10.51 -10.38
C GLN B 285 -18.69 -11.36 -9.33
N VAL B 286 -19.31 -12.46 -8.96
CA VAL B 286 -18.76 -13.33 -7.93
C VAL B 286 -17.66 -14.25 -8.43
N PRO B 287 -16.50 -14.24 -7.79
CA PRO B 287 -15.44 -15.13 -8.27
C PRO B 287 -15.82 -16.59 -7.96
N ASP B 288 -15.18 -17.51 -8.67
CA ASP B 288 -15.45 -18.93 -8.45
C ASP B 288 -14.78 -19.40 -7.18
N TRP B 289 -13.57 -18.91 -6.93
CA TRP B 289 -12.81 -19.30 -5.75
C TRP B 289 -12.10 -18.16 -5.07
N VAL B 290 -12.07 -18.19 -3.74
CA VAL B 290 -11.35 -17.21 -2.96
C VAL B 290 -10.52 -18.01 -1.97
N ILE B 291 -9.21 -17.82 -2.01
CA ILE B 291 -8.29 -18.54 -1.16
C ILE B 291 -7.78 -17.63 -0.05
N VAL B 292 -8.14 -17.97 1.19
CA VAL B 292 -7.77 -17.19 2.34
C VAL B 292 -6.78 -17.88 3.26
N PRO B 293 -5.55 -17.34 3.39
CA PRO B 293 -4.55 -17.94 4.27
C PRO B 293 -5.14 -17.81 5.66
N GLY B 294 -5.25 -18.93 6.35
CA GLY B 294 -5.85 -18.91 7.68
C GLY B 294 -4.99 -18.87 8.93
N GLY B 295 -4.02 -17.96 9.01
CA GLY B 295 -3.24 -17.88 10.23
C GLY B 295 -4.32 -17.63 11.28
N ASN B 296 -4.94 -16.46 11.23
CA ASN B 296 -6.04 -16.13 12.12
C ASN B 296 -7.27 -16.73 11.43
N LEU B 297 -7.87 -17.72 12.06
CA LEU B 297 -9.03 -18.38 11.46
C LEU B 297 -10.29 -17.53 11.35
N GLY B 298 -10.24 -16.31 11.90
CA GLY B 298 -11.40 -15.44 11.82
C GLY B 298 -11.52 -14.84 10.42
N ASN B 299 -10.39 -14.75 9.72
CA ASN B 299 -10.33 -14.18 8.38
C ASN B 299 -11.31 -14.81 7.41
N ILE B 300 -11.20 -16.13 7.25
CA ILE B 300 -12.05 -16.88 6.34
C ILE B 300 -13.52 -16.63 6.65
N TYR B 301 -13.85 -16.55 7.94
CA TYR B 301 -15.23 -16.31 8.35
C TYR B 301 -15.63 -14.88 7.96
N ALA B 302 -14.73 -13.93 8.15
CA ALA B 302 -15.02 -12.55 7.79
C ALA B 302 -15.35 -12.44 6.31
N PHE B 303 -14.54 -13.05 5.46
CA PHE B 303 -14.83 -13.01 4.02
C PHE B 303 -16.18 -13.66 3.74
N TYR B 304 -16.39 -14.84 4.32
CA TYR B 304 -17.67 -15.53 4.12
C TYR B 304 -18.81 -14.59 4.48
N LYS B 305 -18.70 -13.95 5.65
CA LYS B 305 -19.71 -13.03 6.15
C LYS B 305 -19.98 -11.92 5.12
N GLY B 306 -18.91 -11.40 4.52
CA GLY B 306 -19.04 -10.34 3.53
C GLY B 306 -19.70 -10.80 2.24
N PHE B 307 -19.27 -11.94 1.71
CA PHE B 307 -19.85 -12.45 0.47
C PHE B 307 -21.32 -12.83 0.71
N LYS B 308 -21.59 -13.40 1.88
CA LYS B 308 -22.93 -13.83 2.25
C LYS B 308 -23.94 -12.67 2.35
N MSO B 309 -23.53 -11.56 2.99
CA MSO B 309 -24.44 -10.43 3.13
CB MSO B 309 -23.84 -9.35 4.05
C MSO B 309 -24.78 -9.84 1.76
CG MSO B 309 -24.87 -8.29 4.56
SE MSO B 309 -24.04 -7.09 5.65
OE MSO B 309 -23.45 -7.78 6.81
CE MSO B 309 -25.34 -5.99 6.12
O MSO B 309 -25.86 -9.31 1.56
N CYS B 310 -23.85 -9.95 0.80
CA CYS B 310 -24.07 -9.43 -0.54
C CYS B 310 -25.10 -10.24 -1.31
N GLN B 311 -25.06 -11.55 -1.12
CA GLN B 311 -25.98 -12.44 -1.79
C GLN B 311 -27.36 -12.39 -1.13
N GLU B 312 -27.40 -12.37 0.19
CA GLU B 312 -28.67 -12.31 0.90
C GLU B 312 -29.44 -11.04 0.58
N LEU B 313 -28.73 -9.94 0.36
CA LEU B 313 -29.40 -8.67 0.07
C LEU B 313 -29.60 -8.45 -1.42
N GLY B 314 -29.32 -9.49 -2.21
CA GLY B 314 -29.50 -9.41 -3.64
C GLY B 314 -28.51 -8.63 -4.48
N LEU B 315 -27.35 -8.23 -3.93
CA LEU B 315 -26.36 -7.49 -4.71
C LEU B 315 -25.86 -8.45 -5.79
N VAL B 316 -25.69 -9.71 -5.38
CA VAL B 316 -25.26 -10.77 -6.27
C VAL B 316 -26.15 -11.97 -5.95
N ASP B 317 -26.10 -13.01 -6.78
N ASP B 317 -26.08 -13.00 -6.79
CA ASP B 317 -26.93 -14.19 -6.55
CA ASP B 317 -26.90 -14.19 -6.60
C ASP B 317 -26.22 -15.39 -5.91
C ASP B 317 -26.21 -15.42 -6.03
N ARG B 318 -24.90 -15.31 -5.77
CA ARG B 318 -24.17 -16.43 -5.20
C ARG B 318 -22.92 -16.02 -4.45
N ILE B 319 -22.37 -16.96 -3.70
CA ILE B 319 -21.14 -16.71 -2.96
C ILE B 319 -20.10 -17.62 -3.59
N PRO B 320 -18.82 -17.26 -3.47
CA PRO B 320 -17.80 -18.13 -4.07
C PRO B 320 -17.45 -19.31 -3.15
N ARG B 321 -16.84 -20.33 -3.72
CA ARG B 321 -16.42 -21.45 -2.89
C ARG B 321 -15.11 -20.95 -2.30
N MSE B 322 -14.81 -21.33 -1.07
CA MSE B 322 -13.59 -20.85 -0.45
C MSE B 322 -12.62 -21.94 -0.01
O MSE B 322 -13.03 -23.06 0.31
CB MSE B 322 -13.93 -19.95 0.73
CG MSE B 322 -14.95 -18.87 0.41
SE MSE B 322 -14.99 -17.51 1.81
CE MSE B 322 -15.65 -18.63 3.22
N VAL B 323 -11.34 -21.58 -0.01
CA VAL B 323 -10.30 -22.49 0.41
C VAL B 323 -9.58 -21.86 1.58
N CYS B 324 -9.43 -22.63 2.66
CA CYS B 324 -8.72 -22.15 3.82
C CYS B 324 -7.33 -22.77 3.67
N ALA B 325 -6.32 -21.95 3.38
CA ALA B 325 -4.96 -22.44 3.21
C ALA B 325 -4.21 -22.35 4.53
N GLN B 326 -3.78 -23.50 5.04
CA GLN B 326 -3.08 -23.56 6.31
C GLN B 326 -1.68 -24.10 6.19
N ALA B 327 -0.82 -23.70 7.12
CA ALA B 327 0.54 -24.18 7.16
C ALA B 327 0.38 -25.59 7.76
N ALA B 328 1.19 -26.54 7.32
CA ALA B 328 1.10 -27.91 7.82
C ALA B 328 1.14 -27.98 9.35
N ASN B 329 0.21 -28.74 9.92
CA ASN B 329 0.11 -28.93 11.38
C ASN B 329 -0.13 -27.66 12.19
N ALA B 330 -0.78 -26.67 11.59
CA ALA B 330 -1.04 -25.42 12.30
C ALA B 330 -2.11 -25.61 13.35
N ASN B 331 -3.08 -26.47 13.05
CA ASN B 331 -4.20 -26.74 13.96
C ASN B 331 -4.99 -27.92 13.39
N PRO B 332 -6.01 -28.38 14.13
CA PRO B 332 -6.83 -29.51 13.66
C PRO B 332 -7.81 -29.29 12.51
N LEU B 333 -7.92 -28.06 12.02
CA LEU B 333 -8.86 -27.76 10.93
C LEU B 333 -8.72 -28.66 9.70
N TYR B 334 -7.50 -28.81 9.20
CA TYR B 334 -7.26 -29.64 8.02
C TYR B 334 -7.74 -31.08 8.23
N LEU B 335 -7.38 -31.67 9.37
CA LEU B 335 -7.79 -33.04 9.68
C LEU B 335 -9.30 -33.15 9.64
N HIS B 336 -9.98 -32.31 10.40
CA HIS B 336 -11.44 -32.33 10.44
C HIS B 336 -12.02 -32.24 9.05
N TYR B 337 -11.45 -31.38 8.21
CA TYR B 337 -11.95 -31.25 6.85
C TYR B 337 -11.82 -32.58 6.12
N LYS B 338 -10.68 -33.23 6.30
CA LYS B 338 -10.44 -34.50 5.64
C LYS B 338 -11.38 -35.59 6.16
N SER B 339 -11.81 -35.46 7.41
CA SER B 339 -12.73 -36.43 7.98
C SER B 339 -14.17 -35.99 7.76
N GLY B 340 -14.39 -35.11 6.78
CA GLY B 340 -15.73 -34.63 6.48
C GLY B 340 -16.47 -33.89 7.59
N TRP B 341 -15.73 -33.34 8.56
CA TRP B 341 -16.30 -32.59 9.69
C TRP B 341 -16.99 -33.48 10.72
N LYS B 342 -17.10 -34.77 10.40
CA LYS B 342 -17.77 -35.75 11.27
C LYS B 342 -17.36 -35.72 12.74
N ASP B 343 -16.06 -35.54 13.01
CA ASP B 343 -15.57 -35.53 14.38
C ASP B 343 -15.43 -34.14 14.99
N PHE B 344 -16.00 -33.12 14.35
CA PHE B 344 -15.88 -31.77 14.88
C PHE B 344 -16.89 -31.46 15.99
N LYS B 345 -16.38 -30.94 17.11
CA LYS B 345 -17.21 -30.59 18.26
C LYS B 345 -17.09 -29.10 18.57
N PRO B 346 -18.19 -28.35 18.43
CA PRO B 346 -18.20 -26.91 18.72
C PRO B 346 -17.56 -26.55 20.05
N VAL B 363 -7.27 -23.25 18.05
CA VAL B 363 -7.52 -21.90 18.54
C VAL B 363 -8.91 -21.44 18.09
N SER B 364 -9.91 -22.30 18.29
CA SER B 364 -11.29 -22.02 17.93
C SER B 364 -11.49 -21.99 16.42
N ILE B 365 -11.76 -23.16 15.85
CA ILE B 365 -11.98 -23.30 14.42
C ILE B 365 -13.46 -23.33 14.08
N ASP B 366 -14.30 -23.12 15.10
CA ASP B 366 -15.75 -23.14 14.92
C ASP B 366 -16.21 -22.29 13.74
N ARG B 367 -15.81 -21.02 13.74
CA ARG B 367 -16.18 -20.10 12.68
C ARG B 367 -15.75 -20.53 11.29
N ALA B 368 -14.50 -20.98 11.18
CA ALA B 368 -13.98 -21.42 9.90
C ALA B 368 -14.75 -22.63 9.37
N VAL B 369 -15.03 -23.58 10.25
CA VAL B 369 -15.78 -24.80 9.89
C VAL B 369 -17.15 -24.39 9.36
N TYR B 370 -17.85 -23.58 10.15
CA TYR B 370 -19.17 -23.08 9.77
C TYR B 370 -19.11 -22.49 8.36
N ALA B 371 -18.18 -21.56 8.15
CA ALA B 371 -18.03 -20.90 6.86
C ALA B 371 -17.77 -21.88 5.74
N LEU B 372 -16.76 -22.72 5.90
CA LEU B 372 -16.41 -23.70 4.87
C LEU B 372 -17.60 -24.60 4.53
N LYS B 373 -18.35 -25.02 5.54
CA LYS B 373 -19.52 -25.85 5.31
C LYS B 373 -20.53 -25.10 4.45
N LYS B 374 -20.82 -23.86 4.86
CA LYS B 374 -21.78 -23.02 4.15
C LYS B 374 -21.43 -22.76 2.70
N CYS B 375 -20.15 -22.70 2.37
CA CYS B 375 -19.76 -22.42 0.99
C CYS B 375 -19.14 -23.58 0.24
N ASN B 376 -19.35 -24.81 0.72
CA ASN B 376 -18.79 -26.00 0.08
C ASN B 376 -17.29 -25.76 -0.04
N GLY B 377 -16.72 -25.28 1.06
CA GLY B 377 -15.31 -24.96 1.11
C GLY B 377 -14.35 -26.13 1.17
N ILE B 378 -13.05 -25.81 1.13
CA ILE B 378 -11.99 -26.80 1.16
C ILE B 378 -10.84 -26.30 2.03
N VAL B 379 -10.08 -27.23 2.58
CA VAL B 379 -8.92 -26.89 3.39
C VAL B 379 -7.73 -27.62 2.79
N GLU B 380 -6.61 -26.91 2.64
CA GLU B 380 -5.39 -27.51 2.10
C GLU B 380 -4.20 -27.03 2.88
N GLU B 381 -3.12 -27.81 2.83
CA GLU B 381 -1.90 -27.48 3.56
C GLU B 381 -0.71 -27.16 2.67
N ALA B 382 0.33 -26.64 3.30
CA ALA B 382 1.56 -26.31 2.62
C ALA B 382 2.66 -26.47 3.65
N THR B 383 3.73 -27.15 3.27
CA THR B 383 4.85 -27.36 4.17
C THR B 383 5.66 -26.06 4.19
N GLU B 384 6.58 -25.94 5.15
CA GLU B 384 7.41 -24.77 5.24
C GLU B 384 8.16 -24.53 3.93
N GLU B 385 8.69 -25.59 3.34
CA GLU B 385 9.43 -25.48 2.08
C GLU B 385 8.54 -25.18 0.88
N GLU B 386 7.35 -25.74 0.83
CA GLU B 386 6.45 -25.47 -0.30
C GLU B 386 6.06 -23.98 -0.29
N LEU B 387 5.74 -23.51 0.90
CA LEU B 387 5.33 -22.14 1.16
C LEU B 387 6.41 -21.16 0.69
N MSE B 388 7.65 -21.46 1.05
CA MSE B 388 8.77 -20.62 0.67
C MSE B 388 9.10 -20.70 -0.81
O MSE B 388 9.40 -19.69 -1.45
CB MSE B 388 9.97 -20.98 1.53
CG MSE B 388 9.76 -20.67 2.99
SE MSE B 388 9.61 -18.77 3.38
CE MSE B 388 11.45 -18.25 2.86
N ASP B 389 9.05 -21.91 -1.39
CA ASP B 389 9.35 -22.04 -2.80
C ASP B 389 8.28 -21.33 -3.62
N ALA B 390 7.02 -21.44 -3.17
CA ALA B 390 5.93 -20.79 -3.88
C ALA B 390 6.15 -19.26 -3.80
N MSE B 391 6.58 -18.79 -2.65
CA MSE B 391 6.84 -17.36 -2.47
C MSE B 391 7.91 -16.89 -3.47
O MSE B 391 7.75 -15.86 -4.14
CB MSE B 391 7.30 -17.09 -1.04
CG MSE B 391 7.78 -15.67 -0.81
SE MSE B 391 8.40 -15.37 0.98
CE MSE B 391 10.23 -15.88 0.72
N ALA B 392 9.00 -17.66 -3.57
CA ALA B 392 10.08 -17.31 -4.49
C ALA B 392 9.61 -17.35 -5.94
N GLN B 393 8.73 -18.28 -6.26
CA GLN B 393 8.20 -18.38 -7.62
C GLN B 393 7.31 -17.17 -7.93
N ALA B 394 6.46 -16.79 -6.97
CA ALA B 394 5.58 -15.64 -7.17
C ALA B 394 6.44 -14.40 -7.34
N ASP B 395 7.40 -14.21 -6.45
CA ASP B 395 8.28 -13.05 -6.49
C ASP B 395 9.04 -12.97 -7.81
N SER B 396 9.38 -14.14 -8.38
CA SER B 396 10.12 -14.18 -9.63
C SER B 396 9.29 -13.62 -10.77
N THR B 397 7.97 -13.58 -10.60
CA THR B 397 7.13 -13.02 -11.67
C THR B 397 6.86 -11.53 -11.45
N GLY B 398 7.51 -10.93 -10.46
CA GLY B 398 7.30 -9.50 -10.24
C GLY B 398 6.56 -9.11 -8.97
N MSE B 399 6.03 -10.08 -8.24
CA MSE B 399 5.33 -9.80 -6.99
C MSE B 399 6.36 -9.73 -5.86
O MSE B 399 7.55 -9.96 -6.08
CB MSE B 399 4.32 -10.91 -6.70
CG MSE B 399 3.08 -10.91 -7.59
SE MSE B 399 1.81 -12.36 -7.10
CE MSE B 399 2.36 -13.54 -8.49
N PHE B 400 5.90 -9.39 -4.66
CA PHE B 400 6.74 -9.33 -3.48
C PHE B 400 5.75 -9.68 -2.36
N ILE B 401 5.49 -10.97 -2.23
CA ILE B 401 4.49 -11.49 -1.29
C ILE B 401 4.93 -11.93 0.09
N CYS B 402 3.94 -12.16 0.94
CA CYS B 402 4.18 -12.62 2.30
C CYS B 402 4.15 -14.14 2.29
N PRO B 403 4.65 -14.79 3.36
CA PRO B 403 4.66 -16.26 3.45
C PRO B 403 3.27 -16.88 3.31
N HIS B 404 2.27 -16.29 3.94
CA HIS B 404 0.92 -16.83 3.85
C HIS B 404 0.45 -16.95 2.42
N THR B 405 0.80 -15.97 1.59
CA THR B 405 0.40 -16.02 0.19
C THR B 405 1.09 -17.22 -0.47
N GLY B 406 2.25 -17.60 0.06
CA GLY B 406 2.94 -18.76 -0.48
C GLY B 406 2.09 -19.98 -0.15
N VAL B 407 1.54 -20.00 1.06
CA VAL B 407 0.69 -21.10 1.50
C VAL B 407 -0.54 -21.15 0.60
N ALA B 408 -1.13 -19.99 0.34
CA ALA B 408 -2.31 -19.89 -0.51
C ALA B 408 -2.03 -20.40 -1.93
N LEU B 409 -0.87 -20.04 -2.48
CA LEU B 409 -0.53 -20.46 -3.83
C LEU B 409 -0.18 -21.96 -3.89
N THR B 410 0.40 -22.48 -2.82
CA THR B 410 0.72 -23.89 -2.77
C THR B 410 -0.59 -24.65 -2.83
N ALA B 411 -1.53 -24.21 -2.00
CA ALA B 411 -2.85 -24.83 -1.95
C ALA B 411 -3.50 -24.73 -3.32
N LEU B 412 -3.35 -23.58 -3.96
CA LEU B 412 -3.92 -23.39 -5.28
C LEU B 412 -3.30 -24.38 -6.26
N PHE B 413 -1.99 -24.57 -6.18
CA PHE B 413 -1.31 -25.52 -7.07
C PHE B 413 -1.90 -26.91 -6.89
N LYS B 414 -1.98 -27.35 -5.64
CA LYS B 414 -2.52 -28.67 -5.33
C LYS B 414 -3.93 -28.87 -5.86
N LEU B 415 -4.82 -27.93 -5.56
CA LEU B 415 -6.19 -28.03 -6.02
C LEU B 415 -6.30 -27.97 -7.55
N ARG B 416 -5.28 -27.40 -8.20
CA ARG B 416 -5.29 -27.34 -9.65
C ARG B 416 -4.98 -28.74 -10.16
N ASN B 417 -3.95 -29.37 -9.60
CA ASN B 417 -3.58 -30.73 -9.99
C ASN B 417 -4.74 -31.68 -9.76
N GLN B 418 -5.36 -31.58 -8.60
CA GLN B 418 -6.48 -32.43 -8.22
C GLN B 418 -7.70 -32.18 -9.09
N GLY B 419 -7.63 -31.18 -9.96
CA GLY B 419 -8.75 -30.88 -10.82
C GLY B 419 -9.91 -30.19 -10.13
N VAL B 420 -9.73 -29.82 -8.87
CA VAL B 420 -10.79 -29.14 -8.14
C VAL B 420 -11.02 -27.73 -8.69
N ILE B 421 -9.93 -27.04 -9.03
CA ILE B 421 -10.05 -25.69 -9.59
C ILE B 421 -9.65 -25.72 -11.06
N ALA B 422 -10.55 -25.26 -11.91
CA ALA B 422 -10.33 -25.27 -13.35
C ALA B 422 -9.41 -24.14 -13.81
N PRO B 423 -8.70 -24.36 -14.92
CA PRO B 423 -7.78 -23.35 -15.45
C PRO B 423 -8.41 -21.96 -15.70
N THR B 424 -9.70 -21.94 -16.02
CA THR B 424 -10.37 -20.67 -16.29
C THR B 424 -11.21 -20.16 -15.11
N ASP B 425 -11.07 -20.76 -13.94
CA ASP B 425 -11.85 -20.27 -12.81
C ASP B 425 -11.35 -18.91 -12.34
N ARG B 426 -12.27 -17.97 -12.13
CA ARG B 426 -11.88 -16.66 -11.64
C ARG B 426 -11.56 -16.89 -10.16
N THR B 427 -10.29 -16.78 -9.83
CA THR B 427 -9.82 -17.03 -8.48
C THR B 427 -9.09 -15.86 -7.83
N VAL B 428 -9.41 -15.63 -6.56
CA VAL B 428 -8.80 -14.54 -5.83
C VAL B 428 -8.04 -15.05 -4.60
N VAL B 429 -6.75 -14.73 -4.55
CA VAL B 429 -5.93 -15.11 -3.41
C VAL B 429 -5.82 -13.87 -2.51
N VAL B 430 -6.06 -14.05 -1.22
CA VAL B 430 -6.00 -12.93 -0.30
C VAL B 430 -4.63 -12.84 0.36
N SER B 431 -3.96 -11.71 0.15
CA SER B 431 -2.67 -11.44 0.77
C SER B 431 -3.00 -10.54 1.97
N THR B 432 -2.60 -10.96 3.17
CA THR B 432 -2.94 -10.20 4.36
C THR B 432 -1.86 -9.31 4.97
N ALA B 433 -0.65 -9.37 4.44
CA ALA B 433 0.43 -8.56 4.98
C ALA B 433 1.40 -8.19 3.87
N HIS B 434 1.93 -6.98 3.94
CA HIS B 434 2.87 -6.51 2.93
C HIS B 434 4.17 -7.31 2.90
N GLY B 435 4.62 -7.66 1.69
CA GLY B 435 5.87 -8.42 1.56
C GLY B 435 7.05 -7.74 2.26
N LEU B 436 7.03 -6.42 2.34
CA LEU B 436 8.11 -5.69 2.99
C LEU B 436 8.31 -6.10 4.45
N LYS B 437 7.29 -6.68 5.08
CA LYS B 437 7.42 -7.12 6.47
C LYS B 437 8.20 -8.42 6.57
N PHE B 438 8.49 -9.05 5.43
CA PHE B 438 9.20 -10.32 5.45
C PHE B 438 10.49 -10.32 4.65
N THR B 439 11.22 -9.21 4.69
CA THR B 439 12.47 -9.14 3.95
C THR B 439 13.54 -10.07 4.49
N GLN B 440 13.62 -10.23 5.81
CA GLN B 440 14.64 -11.10 6.38
C GLN B 440 14.46 -12.53 5.88
N SER B 441 13.22 -12.97 5.85
CA SER B 441 12.91 -14.30 5.39
C SER B 441 13.37 -14.50 3.94
N LYS B 442 13.11 -13.53 3.08
CA LYS B 442 13.51 -13.63 1.69
C LYS B 442 15.02 -13.63 1.56
N ILE B 443 15.67 -12.77 2.34
CA ILE B 443 17.13 -12.69 2.33
C ILE B 443 17.70 -14.08 2.71
N ASP B 444 17.16 -14.68 3.77
CA ASP B 444 17.63 -15.99 4.22
C ASP B 444 17.49 -17.04 3.12
N TYR B 445 16.32 -17.08 2.51
CA TYR B 445 16.05 -18.03 1.45
C TYR B 445 17.01 -17.85 0.27
N HIS B 446 17.17 -16.61 -0.20
CA HIS B 446 18.02 -16.34 -1.35
C HIS B 446 19.52 -16.40 -1.11
N SER B 447 19.92 -16.50 0.15
CA SER B 447 21.33 -16.63 0.44
C SER B 447 21.57 -18.06 0.95
N ASN B 448 20.60 -18.94 0.65
CA ASN B 448 20.65 -20.34 1.06
C ASN B 448 21.02 -20.46 2.53
N ALA B 449 20.35 -19.70 3.38
CA ALA B 449 20.64 -19.71 4.81
C ALA B 449 19.49 -20.19 5.66
N ILE B 450 18.60 -21.01 5.08
CA ILE B 450 17.49 -21.53 5.86
C ILE B 450 17.76 -23.00 6.11
N PRO B 451 18.14 -23.34 7.35
CA PRO B 451 18.44 -24.72 7.72
C PRO B 451 17.31 -25.71 7.39
N ASP B 452 17.70 -26.87 6.86
CA ASP B 452 16.76 -27.92 6.51
C ASP B 452 15.85 -27.53 5.35
N MSE B 453 16.42 -26.92 4.32
CA MSE B 453 15.66 -26.50 3.15
C MSE B 453 16.61 -26.27 1.99
O MSE B 453 17.69 -25.71 2.16
CB MSE B 453 14.89 -25.21 3.47
CG MSE B 453 13.87 -24.82 2.40
SE MSE B 453 12.87 -23.21 2.85
CE MSE B 453 12.04 -23.84 4.48
N ALA B 454 16.19 -26.68 0.79
CA ALA B 454 17.03 -26.51 -0.38
C ALA B 454 17.15 -25.08 -0.91
N CYS B 455 16.09 -24.29 -0.76
CA CYS B 455 16.10 -22.91 -1.28
C CYS B 455 16.41 -23.02 -2.77
N ARG B 456 15.76 -23.97 -3.42
CA ARG B 456 15.99 -24.28 -4.82
C ARG B 456 15.83 -23.14 -5.83
N PHE B 457 15.15 -22.06 -5.43
CA PHE B 457 14.97 -20.95 -6.35
C PHE B 457 15.71 -19.69 -5.92
N SER B 458 16.73 -19.87 -5.08
CA SER B 458 17.51 -18.74 -4.61
C SER B 458 18.15 -18.02 -5.79
N ASN B 459 18.27 -16.70 -5.67
CA ASN B 459 18.87 -15.88 -6.72
C ASN B 459 19.87 -14.92 -6.11
N PRO B 460 20.96 -15.46 -5.55
CA PRO B 460 22.00 -14.62 -4.94
C PRO B 460 22.79 -13.84 -5.97
N PRO B 461 23.44 -12.74 -5.54
CA PRO B 461 24.24 -11.93 -6.43
C PRO B 461 25.38 -12.78 -6.97
N VAL B 462 25.76 -12.55 -8.22
CA VAL B 462 26.84 -13.31 -8.85
C VAL B 462 28.15 -12.53 -8.86
N ASP B 463 29.18 -13.12 -8.26
CA ASP B 463 30.48 -12.47 -8.22
C ASP B 463 31.16 -12.58 -9.57
N VAL B 464 31.79 -11.49 -10.00
CA VAL B 464 32.48 -11.49 -11.27
C VAL B 464 33.63 -10.49 -11.22
N LYS B 465 34.67 -10.77 -11.99
CA LYS B 465 35.82 -9.88 -12.04
C LYS B 465 35.52 -8.72 -12.96
N ALA B 466 36.19 -7.60 -12.72
CA ALA B 466 35.99 -6.39 -13.52
C ALA B 466 36.69 -6.47 -14.87
N ASP B 467 36.36 -7.50 -15.64
N ASP B 467 36.37 -7.49 -15.65
CA ASP B 467 36.96 -7.72 -16.95
CA ASP B 467 36.97 -7.66 -16.96
C ASP B 467 35.87 -7.87 -18.00
C ASP B 467 35.87 -7.85 -17.99
N PHE B 468 35.84 -6.97 -18.98
CA PHE B 468 34.84 -7.01 -20.05
C PHE B 468 34.54 -8.43 -20.53
N GLY B 469 35.59 -9.21 -20.76
CA GLY B 469 35.37 -10.56 -21.22
C GLY B 469 34.57 -11.40 -20.24
N ALA B 470 35.00 -11.38 -18.98
CA ALA B 470 34.32 -12.13 -17.92
C ALA B 470 32.86 -11.71 -17.81
N VAL B 471 32.62 -10.41 -17.70
CA VAL B 471 31.26 -9.89 -17.58
C VAL B 471 30.41 -10.30 -18.77
N MSE B 472 30.95 -10.15 -19.98
CA MSE B 472 30.23 -10.52 -21.19
C MSE B 472 29.84 -12.00 -21.18
O MSE B 472 28.79 -12.37 -21.68
CB MSE B 472 31.06 -10.20 -22.43
CG MSE B 472 31.00 -8.76 -22.88
SE MSE B 472 29.22 -8.14 -23.36
CE MSE B 472 28.86 -9.40 -24.80
N ASP B 473 30.71 -12.84 -20.62
CA ASP B 473 30.42 -14.27 -20.59
C ASP B 473 29.25 -14.64 -19.69
N VAL B 474 29.21 -14.07 -18.48
CA VAL B 474 28.11 -14.38 -17.57
C VAL B 474 26.80 -13.84 -18.13
N LEU B 475 26.83 -12.64 -18.71
CA LEU B 475 25.63 -12.05 -19.29
C LEU B 475 25.11 -12.89 -20.44
N LYS B 476 26.02 -13.34 -21.30
CA LYS B 476 25.65 -14.17 -22.44
C LYS B 476 24.87 -15.39 -21.98
N SER B 477 25.41 -16.09 -20.99
CA SER B 477 24.76 -17.28 -20.44
C SER B 477 23.38 -16.91 -19.93
N TYR B 478 23.32 -15.92 -19.05
CA TYR B 478 22.07 -15.46 -18.46
C TYR B 478 21.04 -15.18 -19.55
N LEU B 479 21.41 -14.34 -20.51
CA LEU B 479 20.50 -13.99 -21.59
C LEU B 479 20.29 -15.17 -22.53
#